data_6MZT
#
_entry.id   6MZT
#
_entity_poly.entity_id   1
_entity_poly.type   'polypeptide(L)'
_entity_poly.pdbx_seq_one_letter_code
;GDIKCSGTRQCWGPCKKQTTCTNSKCMNGKCKCYGCV
;
_entity_poly.pdbx_strand_id   A
#
# COMPACT_ATOMS: atom_id res chain seq x y z
N GLY A 1 -1.53 7.44 8.40
CA GLY A 1 -1.75 8.09 7.12
C GLY A 1 -1.99 7.09 6.00
N ASP A 2 -2.82 6.08 6.26
CA ASP A 2 -3.13 5.06 5.27
C ASP A 2 -3.62 5.70 3.97
N ILE A 3 -3.15 5.18 2.85
CA ILE A 3 -3.54 5.69 1.55
C ILE A 3 -4.85 5.06 1.08
N LYS A 4 -5.82 5.91 0.75
CA LYS A 4 -7.12 5.44 0.29
C LYS A 4 -7.01 4.80 -1.09
N CYS A 5 -7.62 3.63 -1.25
CA CYS A 5 -7.60 2.92 -2.53
C CYS A 5 -8.65 1.83 -2.56
N SER A 6 -8.71 1.10 -3.66
CA SER A 6 -9.67 0.02 -3.83
C SER A 6 -8.98 -1.30 -4.18
N GLY A 7 -8.16 -1.27 -5.22
CA GLY A 7 -7.44 -2.46 -5.63
C GLY A 7 -6.07 -2.57 -4.99
N THR A 8 -5.32 -3.59 -5.37
CA THR A 8 -3.98 -3.80 -4.83
C THR A 8 -2.96 -2.88 -5.48
N ARG A 9 -2.90 -2.91 -6.80
CA ARG A 9 -1.97 -2.07 -7.54
C ARG A 9 -2.10 -0.60 -7.11
N GLN A 10 -3.32 -0.14 -6.97
CA GLN A 10 -3.58 1.23 -6.57
C GLN A 10 -2.80 1.59 -5.31
N CYS A 11 -2.56 0.59 -4.47
CA CYS A 11 -1.82 0.79 -3.22
C CYS A 11 -0.31 0.76 -3.48
N TRP A 12 0.10 -0.16 -4.36
CA TRP A 12 1.52 -0.31 -4.70
C TRP A 12 2.11 1.02 -5.13
N GLY A 13 1.35 1.79 -5.91
CA GLY A 13 1.82 3.07 -6.39
C GLY A 13 2.37 3.94 -5.28
N PRO A 14 1.47 4.38 -4.37
CA PRO A 14 1.86 5.23 -3.25
C PRO A 14 2.69 4.48 -2.21
N CYS A 15 2.50 3.17 -2.16
CA CYS A 15 3.23 2.34 -1.20
C CYS A 15 4.72 2.31 -1.55
N LYS A 16 5.04 2.39 -2.83
CA LYS A 16 6.42 2.38 -3.29
C LYS A 16 7.11 3.70 -2.95
N LYS A 17 6.40 4.80 -3.12
CA LYS A 17 6.95 6.12 -2.83
C LYS A 17 7.42 6.21 -1.39
N GLN A 18 6.70 5.54 -0.50
CA GLN A 18 7.04 5.54 0.92
C GLN A 18 7.99 4.39 1.26
N THR A 19 7.65 3.20 0.76
CA THR A 19 8.48 2.01 1.01
C THR A 19 8.64 1.19 -0.26
N THR A 20 9.90 0.99 -0.67
CA THR A 20 10.20 0.21 -1.87
C THR A 20 9.36 -1.06 -1.92
N CYS A 21 9.11 -1.65 -0.75
CA CYS A 21 8.33 -2.87 -0.66
C CYS A 21 6.86 -2.60 -0.99
N THR A 22 6.50 -2.79 -2.25
CA THR A 22 5.13 -2.58 -2.70
C THR A 22 4.17 -3.59 -2.08
N ASN A 23 4.72 -4.74 -1.69
CA ASN A 23 3.92 -5.79 -1.08
C ASN A 23 3.03 -5.22 0.03
N SER A 24 1.74 -5.10 -0.26
CA SER A 24 0.79 -4.58 0.70
C SER A 24 -0.61 -5.15 0.47
N LYS A 25 -1.54 -4.81 1.35
CA LYS A 25 -2.91 -5.29 1.23
C LYS A 25 -3.91 -4.16 1.45
N CYS A 26 -4.70 -3.88 0.41
CA CYS A 26 -5.70 -2.82 0.48
C CYS A 26 -7.01 -3.34 1.05
N MET A 27 -7.23 -3.10 2.33
CA MET A 27 -8.45 -3.54 3.00
C MET A 27 -9.18 -2.37 3.66
N ASN A 28 -10.50 -2.37 3.55
CA ASN A 28 -11.31 -1.30 4.14
C ASN A 28 -10.95 0.06 3.53
N GLY A 29 -10.62 0.05 2.24
CA GLY A 29 -10.26 1.28 1.57
C GLY A 29 -9.04 1.94 2.18
N LYS A 30 -8.18 1.14 2.80
CA LYS A 30 -6.97 1.65 3.43
C LYS A 30 -5.75 0.86 2.95
N CYS A 31 -4.63 1.57 2.82
CA CYS A 31 -3.38 0.94 2.38
C CYS A 31 -2.41 0.78 3.54
N LYS A 32 -2.10 -0.47 3.87
CA LYS A 32 -1.18 -0.77 4.96
C LYS A 32 0.07 -1.45 4.44
N CYS A 33 1.13 -0.67 4.25
CA CYS A 33 2.39 -1.18 3.75
C CYS A 33 2.99 -2.20 4.72
N TYR A 34 3.37 -3.35 4.21
CA TYR A 34 3.95 -4.41 5.03
C TYR A 34 5.40 -4.08 5.41
N GLY A 35 6.11 -3.44 4.49
CA GLY A 35 7.49 -3.08 4.74
C GLY A 35 8.44 -4.25 4.54
N CYS A 36 9.74 -3.95 4.52
CA CYS A 36 10.75 -4.98 4.33
C CYS A 36 11.13 -5.62 5.67
N VAL A 37 10.84 -6.90 5.81
CA VAL A 37 11.15 -7.64 7.03
C VAL A 37 12.00 -8.87 6.74
N GLY A 1 -0.92 7.25 8.36
CA GLY A 1 -1.79 7.80 7.34
C GLY A 1 -1.97 6.85 6.16
N ASP A 2 -2.77 5.81 6.37
CA ASP A 2 -3.03 4.83 5.32
C ASP A 2 -3.56 5.50 4.06
N ILE A 3 -3.06 5.06 2.90
CA ILE A 3 -3.48 5.63 1.63
C ILE A 3 -4.79 5.01 1.16
N LYS A 4 -5.74 5.86 0.79
CA LYS A 4 -7.04 5.40 0.31
C LYS A 4 -6.93 4.78 -1.08
N CYS A 5 -7.55 3.61 -1.25
CA CYS A 5 -7.52 2.92 -2.53
C CYS A 5 -8.62 1.87 -2.60
N SER A 6 -8.65 1.13 -3.71
CA SER A 6 -9.66 0.09 -3.90
C SER A 6 -9.01 -1.26 -4.19
N GLY A 7 -8.10 -1.27 -5.16
CA GLY A 7 -7.42 -2.51 -5.51
C GLY A 7 -6.04 -2.61 -4.89
N THR A 8 -5.29 -3.64 -5.27
CA THR A 8 -3.95 -3.84 -4.75
C THR A 8 -2.95 -2.91 -5.41
N ARG A 9 -2.91 -2.93 -6.74
CA ARG A 9 -2.00 -2.08 -7.50
C ARG A 9 -2.14 -0.62 -7.07
N GLN A 10 -3.37 -0.17 -6.91
CA GLN A 10 -3.63 1.21 -6.50
C GLN A 10 -2.83 1.57 -5.25
N CYS A 11 -2.58 0.57 -4.41
CA CYS A 11 -1.83 0.78 -3.17
C CYS A 11 -0.33 0.73 -3.44
N TRP A 12 0.08 -0.17 -4.34
CA TRP A 12 1.49 -0.31 -4.68
C TRP A 12 2.08 1.02 -5.13
N GLY A 13 1.31 1.77 -5.90
CA GLY A 13 1.77 3.06 -6.38
C GLY A 13 2.33 3.94 -5.26
N PRO A 14 1.45 4.37 -4.35
CA PRO A 14 1.83 5.21 -3.22
C PRO A 14 2.67 4.46 -2.19
N CYS A 15 2.50 3.15 -2.15
CA CYS A 15 3.24 2.32 -1.20
C CYS A 15 4.73 2.30 -1.55
N LYS A 16 5.04 2.39 -2.84
CA LYS A 16 6.41 2.39 -3.30
C LYS A 16 7.10 3.72 -2.96
N LYS A 17 6.38 4.82 -3.12
CA LYS A 17 6.92 6.14 -2.83
C LYS A 17 7.39 6.22 -1.37
N GLN A 18 6.68 5.53 -0.49
CA GLN A 18 7.04 5.52 0.93
C GLN A 18 7.98 4.37 1.25
N THR A 19 7.67 3.18 0.75
CA THR A 19 8.50 2.01 0.98
C THR A 19 8.67 1.19 -0.29
N THR A 20 9.91 1.00 -0.71
CA THR A 20 10.21 0.24 -1.92
C THR A 20 9.38 -1.04 -1.98
N CYS A 21 9.13 -1.63 -0.81
CA CYS A 21 8.36 -2.86 -0.73
C CYS A 21 6.89 -2.60 -1.05
N THR A 22 6.51 -2.80 -2.31
CA THR A 22 5.15 -2.58 -2.75
C THR A 22 4.20 -3.59 -2.11
N ASN A 23 4.74 -4.74 -1.72
CA ASN A 23 3.94 -5.79 -1.09
C ASN A 23 3.07 -5.22 0.02
N SER A 24 1.78 -5.09 -0.25
CA SER A 24 0.83 -4.56 0.72
C SER A 24 -0.56 -5.14 0.50
N LYS A 25 -1.47 -4.82 1.41
CA LYS A 25 -2.85 -5.30 1.32
C LYS A 25 -3.84 -4.16 1.50
N CYS A 26 -4.64 -3.90 0.47
CA CYS A 26 -5.64 -2.85 0.51
C CYS A 26 -6.97 -3.37 1.01
N MET A 27 -7.28 -3.09 2.28
CA MET A 27 -8.54 -3.54 2.87
C MET A 27 -9.26 -2.37 3.55
N ASN A 28 -10.58 -2.34 3.39
CA ASN A 28 -11.39 -1.27 3.99
C ASN A 28 -11.00 0.09 3.43
N GLY A 29 -10.66 0.11 2.15
CA GLY A 29 -10.27 1.36 1.50
C GLY A 29 -9.06 1.99 2.15
N LYS A 30 -8.23 1.17 2.77
CA LYS A 30 -7.02 1.65 3.44
C LYS A 30 -5.80 0.89 2.97
N CYS A 31 -4.67 1.60 2.84
CA CYS A 31 -3.43 0.98 2.40
C CYS A 31 -2.45 0.81 3.56
N LYS A 32 -2.10 -0.44 3.86
CA LYS A 32 -1.18 -0.73 4.94
C LYS A 32 0.08 -1.44 4.42
N CYS A 33 1.13 -0.66 4.22
CA CYS A 33 2.40 -1.20 3.72
C CYS A 33 2.97 -2.21 4.70
N TYR A 34 3.42 -3.34 4.17
CA TYR A 34 3.99 -4.39 5.00
C TYR A 34 5.44 -4.08 5.35
N GLY A 35 6.16 -3.47 4.40
CA GLY A 35 7.55 -3.12 4.63
C GLY A 35 8.48 -4.30 4.41
N CYS A 36 9.78 -4.02 4.43
CA CYS A 36 10.78 -5.07 4.22
C CYS A 36 11.15 -5.72 5.55
N VAL A 37 10.85 -7.02 5.66
CA VAL A 37 11.15 -7.77 6.87
C VAL A 37 12.20 -8.84 6.61
N GLY A 1 -2.30 9.22 6.88
CA GLY A 1 -1.54 8.00 7.04
C GLY A 1 -1.84 6.99 5.94
N ASP A 2 -2.68 6.02 6.25
CA ASP A 2 -3.04 4.98 5.29
C ASP A 2 -3.57 5.62 4.00
N ILE A 3 -3.06 5.14 2.87
CA ILE A 3 -3.48 5.65 1.57
C ILE A 3 -4.78 5.00 1.11
N LYS A 4 -5.77 5.82 0.82
CA LYS A 4 -7.07 5.32 0.36
C LYS A 4 -6.97 4.73 -1.04
N CYS A 5 -7.62 3.59 -1.24
CA CYS A 5 -7.61 2.93 -2.54
C CYS A 5 -8.69 1.87 -2.62
N SER A 6 -8.73 1.14 -3.73
CA SER A 6 -9.72 0.09 -3.93
C SER A 6 -9.05 -1.24 -4.26
N GLY A 7 -8.17 -1.21 -5.26
CA GLY A 7 -7.47 -2.42 -5.66
C GLY A 7 -6.11 -2.55 -5.00
N THR A 8 -5.35 -3.57 -5.39
CA THR A 8 -4.03 -3.80 -4.84
C THR A 8 -2.99 -2.88 -5.48
N ARG A 9 -2.92 -2.91 -6.81
CA ARG A 9 -1.97 -2.08 -7.54
C ARG A 9 -2.09 -0.61 -7.11
N GLN A 10 -3.34 -0.14 -6.97
CA GLN A 10 -3.58 1.23 -6.57
C GLN A 10 -2.79 1.59 -5.31
N CYS A 11 -2.56 0.59 -4.47
CA CYS A 11 -1.82 0.80 -3.23
C CYS A 11 -0.31 0.74 -3.49
N TRP A 12 0.10 -0.16 -4.36
CA TRP A 12 1.52 -0.31 -4.70
C TRP A 12 2.11 1.01 -5.14
N GLY A 13 1.34 1.77 -5.92
CA GLY A 13 1.83 3.06 -6.40
C GLY A 13 2.37 3.93 -5.29
N PRO A 14 1.49 4.38 -4.39
CA PRO A 14 1.86 5.22 -3.25
C PRO A 14 2.69 4.48 -2.22
N CYS A 15 2.51 3.16 -2.16
CA CYS A 15 3.24 2.33 -1.22
C CYS A 15 4.72 2.30 -1.55
N LYS A 16 5.04 2.39 -2.83
CA LYS A 16 6.42 2.37 -3.29
C LYS A 16 7.12 3.70 -2.95
N LYS A 17 6.40 4.80 -3.12
CA LYS A 17 6.95 6.12 -2.85
C LYS A 17 7.41 6.21 -1.39
N GLN A 18 6.70 5.54 -0.50
CA GLN A 18 7.04 5.55 0.92
C GLN A 18 7.97 4.39 1.26
N THR A 19 7.65 3.20 0.76
CA THR A 19 8.47 2.02 1.01
C THR A 19 8.65 1.20 -0.25
N THR A 20 9.90 1.01 -0.66
CA THR A 20 10.21 0.23 -1.86
C THR A 20 9.38 -1.05 -1.91
N CYS A 21 9.13 -1.63 -0.75
CA CYS A 21 8.35 -2.86 -0.66
C CYS A 21 6.88 -2.60 -0.99
N THR A 22 6.51 -2.79 -2.25
CA THR A 22 5.14 -2.57 -2.68
C THR A 22 4.20 -3.59 -2.06
N ASN A 23 4.75 -4.73 -1.67
CA ASN A 23 3.95 -5.79 -1.05
C ASN A 23 3.05 -5.22 0.05
N SER A 24 1.76 -5.11 -0.25
CA SER A 24 0.79 -4.58 0.71
C SER A 24 -0.59 -5.16 0.47
N LYS A 25 -1.54 -4.82 1.33
CA LYS A 25 -2.90 -5.32 1.22
C LYS A 25 -3.90 -4.19 1.44
N CYS A 26 -4.70 -3.90 0.41
CA CYS A 26 -5.71 -2.85 0.49
C CYS A 26 -7.01 -3.38 1.07
N MET A 27 -7.24 -3.09 2.35
CA MET A 27 -8.46 -3.54 3.02
C MET A 27 -9.18 -2.36 3.67
N ASN A 28 -10.51 -2.37 3.59
CA ASN A 28 -11.32 -1.31 4.15
C ASN A 28 -10.96 0.05 3.55
N GLY A 29 -10.63 0.04 2.26
CA GLY A 29 -10.27 1.27 1.57
C GLY A 29 -9.06 1.93 2.19
N LYS A 30 -8.20 1.14 2.81
CA LYS A 30 -6.99 1.65 3.43
C LYS A 30 -5.76 0.87 2.96
N CYS A 31 -4.65 1.58 2.82
CA CYS A 31 -3.40 0.96 2.39
C CYS A 31 -2.43 0.81 3.55
N LYS A 32 -2.10 -0.44 3.87
CA LYS A 32 -1.18 -0.74 4.97
C LYS A 32 0.08 -1.41 4.45
N CYS A 33 1.13 -0.63 4.23
CA CYS A 33 2.40 -1.14 3.74
C CYS A 33 2.98 -2.15 4.72
N TYR A 34 3.37 -3.32 4.22
CA TYR A 34 3.96 -4.36 5.04
C TYR A 34 5.41 -4.06 5.37
N GLY A 35 6.11 -3.46 4.40
CA GLY A 35 7.51 -3.12 4.61
C GLY A 35 8.42 -4.31 4.39
N CYS A 36 9.73 -4.06 4.47
CA CYS A 36 10.71 -5.12 4.29
C CYS A 36 11.06 -5.80 5.62
N VAL A 37 10.77 -7.09 5.70
CA VAL A 37 11.05 -7.85 6.92
C VAL A 37 11.99 -9.02 6.63
N GLY A 1 0.01 8.66 6.11
CA GLY A 1 -0.74 7.58 6.74
C GLY A 1 -1.33 6.63 5.71
N ASP A 2 -2.28 5.81 6.14
CA ASP A 2 -2.91 4.84 5.26
C ASP A 2 -3.44 5.53 4.00
N ILE A 3 -3.01 5.03 2.84
CA ILE A 3 -3.44 5.59 1.56
C ILE A 3 -4.77 4.98 1.11
N LYS A 4 -5.72 5.83 0.78
CA LYS A 4 -7.03 5.38 0.32
C LYS A 4 -6.93 4.75 -1.07
N CYS A 5 -7.64 3.64 -1.25
CA CYS A 5 -7.64 2.94 -2.54
C CYS A 5 -8.70 1.85 -2.56
N SER A 6 -8.72 1.09 -3.65
CA SER A 6 -9.69 0.01 -3.80
C SER A 6 -8.99 -1.30 -4.17
N GLY A 7 -8.16 -1.25 -5.21
CA GLY A 7 -7.44 -2.42 -5.65
C GLY A 7 -6.08 -2.55 -5.01
N THR A 8 -5.32 -3.57 -5.40
CA THR A 8 -4.00 -3.80 -4.85
C THR A 8 -2.97 -2.87 -5.51
N ARG A 9 -2.91 -2.91 -6.82
CA ARG A 9 -1.96 -2.07 -7.57
C ARG A 9 -2.09 -0.62 -7.15
N GLN A 10 -3.32 -0.15 -7.00
CA GLN A 10 -3.57 1.24 -6.61
C GLN A 10 -2.79 1.59 -5.35
N CYS A 11 -2.56 0.59 -4.51
CA CYS A 11 -1.82 0.80 -3.26
C CYS A 11 -0.31 0.75 -3.51
N TRP A 12 0.11 -0.16 -4.38
CA TRP A 12 1.52 -0.31 -4.71
C TRP A 12 2.12 1.01 -5.16
N GLY A 13 1.35 1.77 -5.94
CA GLY A 13 1.84 3.06 -6.42
C GLY A 13 2.37 3.93 -5.30
N PRO A 14 1.49 4.38 -4.41
CA PRO A 14 1.86 5.22 -3.28
C PRO A 14 2.68 4.48 -2.23
N CYS A 15 2.50 3.16 -2.18
CA CYS A 15 3.23 2.33 -1.22
C CYS A 15 4.72 2.30 -1.55
N LYS A 16 5.04 2.39 -2.83
CA LYS A 16 6.43 2.38 -3.28
C LYS A 16 7.12 3.70 -2.93
N LYS A 17 6.40 4.80 -3.11
CA LYS A 17 6.95 6.12 -2.82
C LYS A 17 7.40 6.21 -1.36
N GLN A 18 6.67 5.54 -0.48
CA GLN A 18 7.00 5.54 0.94
C GLN A 18 7.95 4.39 1.29
N THR A 19 7.63 3.19 0.77
CA THR A 19 8.45 2.01 1.03
C THR A 19 8.63 1.20 -0.24
N THR A 20 9.89 1.00 -0.64
CA THR A 20 10.20 0.24 -1.84
C THR A 20 9.38 -1.05 -1.90
N CYS A 21 9.11 -1.64 -0.74
CA CYS A 21 8.34 -2.86 -0.67
C CYS A 21 6.88 -2.60 -0.99
N THR A 22 6.50 -2.79 -2.26
CA THR A 22 5.14 -2.57 -2.70
C THR A 22 4.19 -3.59 -2.07
N ASN A 23 4.74 -4.73 -1.67
CA ASN A 23 3.94 -5.79 -1.06
C ASN A 23 3.03 -5.22 0.04
N SER A 24 1.75 -5.11 -0.27
CA SER A 24 0.78 -4.58 0.69
C SER A 24 -0.60 -5.17 0.45
N LYS A 25 -1.55 -4.81 1.31
CA LYS A 25 -2.91 -5.31 1.19
C LYS A 25 -3.92 -4.18 1.42
N CYS A 26 -4.71 -3.89 0.39
CA CYS A 26 -5.72 -2.84 0.48
C CYS A 26 -7.02 -3.37 1.06
N MET A 27 -7.25 -3.08 2.34
CA MET A 27 -8.46 -3.53 3.01
C MET A 27 -9.17 -2.37 3.69
N ASN A 28 -10.49 -2.36 3.61
CA ASN A 28 -11.29 -1.29 4.22
C ASN A 28 -10.95 0.05 3.60
N GLY A 29 -10.66 0.05 2.30
CA GLY A 29 -10.32 1.29 1.61
C GLY A 29 -9.09 1.96 2.20
N LYS A 30 -8.22 1.17 2.82
CA LYS A 30 -7.00 1.68 3.42
C LYS A 30 -5.78 0.90 2.96
N CYS A 31 -4.66 1.59 2.81
CA CYS A 31 -3.43 0.96 2.37
C CYS A 31 -2.45 0.81 3.52
N LYS A 32 -2.11 -0.44 3.85
CA LYS A 32 -1.20 -0.72 4.95
C LYS A 32 0.08 -1.39 4.42
N CYS A 33 1.12 -0.61 4.22
CA CYS A 33 2.38 -1.13 3.72
C CYS A 33 2.99 -2.13 4.71
N TYR A 34 3.38 -3.29 4.19
CA TYR A 34 3.96 -4.33 5.02
C TYR A 34 5.42 -4.03 5.34
N GLY A 35 6.11 -3.44 4.37
CA GLY A 35 7.51 -3.09 4.56
C GLY A 35 8.42 -4.29 4.37
N CYS A 36 9.73 -4.04 4.46
CA CYS A 36 10.72 -5.11 4.28
C CYS A 36 11.06 -5.74 5.63
N VAL A 37 10.75 -7.03 5.76
CA VAL A 37 11.02 -7.76 7.00
C VAL A 37 11.87 -9.00 6.72
N GLY A 1 -2.51 9.48 6.90
CA GLY A 1 -2.13 8.17 7.41
C GLY A 1 -2.09 7.12 6.32
N ASP A 2 -3.14 6.32 6.22
CA ASP A 2 -3.21 5.28 5.20
C ASP A 2 -3.70 5.83 3.87
N ILE A 3 -3.16 5.30 2.79
CA ILE A 3 -3.54 5.74 1.45
C ILE A 3 -4.85 5.08 1.00
N LYS A 4 -5.83 5.90 0.65
CA LYS A 4 -7.12 5.40 0.21
C LYS A 4 -7.01 4.77 -1.18
N CYS A 5 -7.67 3.62 -1.36
CA CYS A 5 -7.64 2.93 -2.64
C CYS A 5 -8.72 1.85 -2.68
N SER A 6 -8.77 1.12 -3.79
CA SER A 6 -9.76 0.06 -3.97
C SER A 6 -9.08 -1.28 -4.25
N GLY A 7 -8.18 -1.28 -5.24
CA GLY A 7 -7.48 -2.51 -5.58
C GLY A 7 -6.12 -2.60 -4.92
N THR A 8 -5.36 -3.63 -5.28
CA THR A 8 -4.03 -3.82 -4.71
C THR A 8 -3.01 -2.92 -5.37
N ARG A 9 -2.94 -2.97 -6.70
CA ARG A 9 -2.00 -2.15 -7.45
C ARG A 9 -2.12 -0.68 -7.05
N GLN A 10 -3.35 -0.21 -6.91
CA GLN A 10 -3.60 1.17 -6.54
C GLN A 10 -2.81 1.55 -5.29
N CYS A 11 -2.57 0.58 -4.42
CA CYS A 11 -1.82 0.81 -3.20
C CYS A 11 -0.32 0.75 -3.46
N TRP A 12 0.08 -0.18 -4.31
CA TRP A 12 1.49 -0.35 -4.66
C TRP A 12 2.10 0.96 -5.14
N GLY A 13 1.34 1.71 -5.93
CA GLY A 13 1.81 2.98 -6.44
C GLY A 13 2.37 3.87 -5.35
N PRO A 14 1.49 4.34 -4.46
CA PRO A 14 1.88 5.21 -3.35
C PRO A 14 2.71 4.48 -2.30
N CYS A 15 2.51 3.17 -2.20
CA CYS A 15 3.25 2.36 -1.24
C CYS A 15 4.74 2.34 -1.57
N LYS A 16 5.07 2.36 -2.86
CA LYS A 16 6.45 2.35 -3.30
C LYS A 16 7.17 3.62 -2.86
N LYS A 17 6.49 4.76 -2.99
CA LYS A 17 7.06 6.04 -2.61
C LYS A 17 7.53 6.02 -1.16
N GLN A 18 6.65 5.60 -0.26
CA GLN A 18 6.97 5.53 1.16
C GLN A 18 7.92 4.37 1.44
N THR A 19 7.61 3.21 0.87
CA THR A 19 8.43 2.03 1.06
C THR A 19 8.61 1.27 -0.25
N THR A 20 9.87 1.12 -0.67
CA THR A 20 10.19 0.42 -1.90
C THR A 20 9.38 -0.87 -2.02
N CYS A 21 9.14 -1.52 -0.89
CA CYS A 21 8.38 -2.76 -0.87
C CYS A 21 6.91 -2.51 -1.18
N THR A 22 6.52 -2.71 -2.43
CA THR A 22 5.14 -2.50 -2.86
C THR A 22 4.21 -3.52 -2.20
N ASN A 23 4.76 -4.66 -1.81
CA ASN A 23 3.98 -5.71 -1.18
C ASN A 23 3.11 -5.14 -0.05
N SER A 24 1.82 -5.01 -0.31
CA SER A 24 0.89 -4.49 0.68
C SER A 24 -0.50 -5.07 0.48
N LYS A 25 -1.41 -4.74 1.39
CA LYS A 25 -2.78 -5.24 1.33
C LYS A 25 -3.78 -4.11 1.55
N CYS A 26 -4.61 -3.85 0.54
CA CYS A 26 -5.61 -2.79 0.63
C CYS A 26 -6.92 -3.33 1.20
N MET A 27 -7.16 -3.04 2.47
CA MET A 27 -8.38 -3.49 3.13
C MET A 27 -9.12 -2.32 3.78
N ASN A 28 -10.45 -2.33 3.67
CA ASN A 28 -11.27 -1.27 4.23
C ASN A 28 -10.95 0.07 3.59
N GLY A 29 -10.64 0.04 2.30
CA GLY A 29 -10.32 1.26 1.58
C GLY A 29 -9.09 1.96 2.14
N LYS A 30 -8.22 1.18 2.78
CA LYS A 30 -6.99 1.73 3.36
C LYS A 30 -5.77 0.96 2.89
N CYS A 31 -4.63 1.65 2.81
CA CYS A 31 -3.39 1.02 2.37
C CYS A 31 -2.45 0.79 3.55
N LYS A 32 -2.13 -0.47 3.80
CA LYS A 32 -1.24 -0.83 4.90
C LYS A 32 -0.01 -1.57 4.38
N CYS A 33 1.08 -0.85 4.19
CA CYS A 33 2.32 -1.44 3.71
C CYS A 33 2.85 -2.49 4.69
N TYR A 34 3.62 -3.44 4.17
CA TYR A 34 4.17 -4.50 5.00
C TYR A 34 5.62 -4.19 5.37
N GLY A 35 6.35 -3.57 4.44
CA GLY A 35 7.73 -3.23 4.70
C GLY A 35 8.67 -4.41 4.50
N CYS A 36 9.92 -4.11 4.15
CA CYS A 36 10.91 -5.15 3.93
C CYS A 36 11.31 -5.82 5.24
N VAL A 37 11.01 -7.12 5.35
CA VAL A 37 11.35 -7.87 6.55
C VAL A 37 12.59 -8.72 6.34
N GLY A 1 -0.73 8.61 7.66
CA GLY A 1 -1.96 7.84 7.56
C GLY A 1 -1.94 6.85 6.42
N ASP A 2 -2.97 6.02 6.34
CA ASP A 2 -3.06 5.01 5.28
C ASP A 2 -3.59 5.62 3.99
N ILE A 3 -3.07 5.16 2.86
CA ILE A 3 -3.50 5.66 1.56
C ILE A 3 -4.79 5.00 1.11
N LYS A 4 -5.79 5.82 0.81
CA LYS A 4 -7.08 5.32 0.36
C LYS A 4 -6.98 4.73 -1.04
N CYS A 5 -7.64 3.59 -1.25
CA CYS A 5 -7.62 2.91 -2.54
C CYS A 5 -8.70 1.85 -2.61
N SER A 6 -8.74 1.13 -3.73
CA SER A 6 -9.73 0.08 -3.93
C SER A 6 -9.05 -1.25 -4.27
N GLY A 7 -8.18 -1.22 -5.27
CA GLY A 7 -7.48 -2.42 -5.69
C GLY A 7 -6.12 -2.55 -5.02
N THR A 8 -5.36 -3.57 -5.42
CA THR A 8 -4.04 -3.79 -4.86
C THR A 8 -3.00 -2.87 -5.49
N ARG A 9 -2.93 -2.90 -6.81
CA ARG A 9 -1.98 -2.06 -7.54
C ARG A 9 -2.10 -0.60 -7.11
N GLN A 10 -3.33 -0.14 -6.96
CA GLN A 10 -3.59 1.23 -6.56
C GLN A 10 -2.80 1.59 -5.29
N CYS A 11 -2.57 0.60 -4.45
CA CYS A 11 -1.82 0.79 -3.22
C CYS A 11 -0.32 0.75 -3.47
N TRP A 12 0.10 -0.17 -4.36
CA TRP A 12 1.51 -0.31 -4.69
C TRP A 12 2.11 1.01 -5.14
N GLY A 13 1.35 1.78 -5.91
CA GLY A 13 1.82 3.06 -6.40
C GLY A 13 2.37 3.93 -5.28
N PRO A 14 1.48 4.37 -4.38
CA PRO A 14 1.86 5.23 -3.24
C PRO A 14 2.69 4.47 -2.21
N CYS A 15 2.51 3.16 -2.15
CA CYS A 15 3.24 2.33 -1.21
C CYS A 15 4.73 2.29 -1.54
N LYS A 16 5.05 2.38 -2.83
CA LYS A 16 6.42 2.37 -3.29
C LYS A 16 7.12 3.69 -2.95
N LYS A 17 6.40 4.80 -3.12
CA LYS A 17 6.95 6.11 -2.83
C LYS A 17 7.42 6.20 -1.39
N GLN A 18 6.70 5.53 -0.50
CA GLN A 18 7.04 5.53 0.92
C GLN A 18 7.99 4.39 1.26
N THR A 19 7.66 3.19 0.75
CA THR A 19 8.48 2.01 1.01
C THR A 19 8.66 1.19 -0.26
N THR A 20 9.91 1.00 -0.67
CA THR A 20 10.22 0.22 -1.87
C THR A 20 9.38 -1.05 -1.92
N CYS A 21 9.13 -1.65 -0.76
CA CYS A 21 8.36 -2.87 -0.68
C CYS A 21 6.89 -2.61 -0.99
N THR A 22 6.51 -2.80 -2.26
CA THR A 22 5.14 -2.58 -2.69
C THR A 22 4.20 -3.60 -2.06
N ASN A 23 4.75 -4.74 -1.65
CA ASN A 23 3.95 -5.78 -1.03
C ASN A 23 3.05 -5.22 0.06
N SER A 24 1.76 -5.11 -0.24
CA SER A 24 0.80 -4.58 0.72
C SER A 24 -0.59 -5.16 0.47
N LYS A 25 -1.54 -4.81 1.33
CA LYS A 25 -2.90 -5.30 1.21
C LYS A 25 -3.91 -4.17 1.43
N CYS A 26 -4.69 -3.88 0.40
CA CYS A 26 -5.70 -2.83 0.49
C CYS A 26 -7.00 -3.35 1.06
N MET A 27 -7.24 -3.09 2.34
CA MET A 27 -8.44 -3.55 3.01
C MET A 27 -9.17 -2.37 3.67
N ASN A 28 -10.50 -2.37 3.58
CA ASN A 28 -11.31 -1.31 4.16
C ASN A 28 -10.95 0.04 3.55
N GLY A 29 -10.63 0.03 2.26
CA GLY A 29 -10.29 1.27 1.57
C GLY A 29 -9.06 1.93 2.18
N LYS A 30 -8.21 1.14 2.80
CA LYS A 30 -6.99 1.66 3.43
C LYS A 30 -5.76 0.88 2.96
N CYS A 31 -4.65 1.59 2.82
CA CYS A 31 -3.40 0.96 2.39
C CYS A 31 -2.43 0.82 3.55
N LYS A 32 -2.10 -0.43 3.87
CA LYS A 32 -1.18 -0.72 4.97
C LYS A 32 0.09 -1.39 4.44
N CYS A 33 1.13 -0.60 4.24
CA CYS A 33 2.40 -1.12 3.75
C CYS A 33 3.00 -2.12 4.73
N TYR A 34 3.41 -3.28 4.21
CA TYR A 34 4.01 -4.31 5.05
C TYR A 34 5.47 -4.01 5.34
N GLY A 35 6.16 -3.43 4.35
CA GLY A 35 7.56 -3.10 4.52
C GLY A 35 8.47 -4.31 4.33
N CYS A 36 9.77 -4.08 4.41
CA CYS A 36 10.74 -5.15 4.24
C CYS A 36 11.08 -5.80 5.58
N VAL A 37 10.88 -7.10 5.67
CA VAL A 37 11.15 -7.84 6.90
C VAL A 37 11.93 -9.12 6.61
N GLY A 1 0.15 8.46 6.26
CA GLY A 1 -0.75 7.48 6.83
C GLY A 1 -1.32 6.53 5.79
N ASP A 2 -2.29 5.73 6.18
CA ASP A 2 -2.92 4.78 5.28
C ASP A 2 -3.45 5.49 4.03
N ILE A 3 -3.02 5.02 2.86
CA ILE A 3 -3.46 5.61 1.60
C ILE A 3 -4.78 5.00 1.13
N LYS A 4 -5.74 5.86 0.82
CA LYS A 4 -7.05 5.42 0.35
C LYS A 4 -6.94 4.81 -1.05
N CYS A 5 -7.58 3.65 -1.23
CA CYS A 5 -7.57 2.96 -2.52
C CYS A 5 -8.67 1.91 -2.58
N SER A 6 -8.69 1.17 -3.68
CA SER A 6 -9.70 0.12 -3.86
C SER A 6 -9.04 -1.22 -4.20
N GLY A 7 -8.17 -1.20 -5.21
CA GLY A 7 -7.49 -2.41 -5.61
C GLY A 7 -6.11 -2.54 -4.97
N THR A 8 -5.38 -3.57 -5.37
CA THR A 8 -4.04 -3.81 -4.83
C THR A 8 -3.01 -2.89 -5.48
N ARG A 9 -2.95 -2.92 -6.81
CA ARG A 9 -2.00 -2.08 -7.54
C ARG A 9 -2.13 -0.63 -7.12
N GLN A 10 -3.36 -0.16 -6.97
CA GLN A 10 -3.60 1.22 -6.57
C GLN A 10 -2.82 1.57 -5.31
N CYS A 11 -2.59 0.57 -4.47
CA CYS A 11 -1.84 0.78 -3.23
C CYS A 11 -0.35 0.73 -3.48
N TRP A 12 0.08 -0.18 -4.36
CA TRP A 12 1.49 -0.32 -4.69
C TRP A 12 2.09 1.01 -5.14
N GLY A 13 1.32 1.76 -5.92
CA GLY A 13 1.79 3.05 -6.39
C GLY A 13 2.34 3.92 -5.28
N PRO A 14 1.45 4.36 -4.37
CA PRO A 14 1.83 5.21 -3.24
C PRO A 14 2.66 4.46 -2.21
N CYS A 15 2.49 3.15 -2.16
CA CYS A 15 3.22 2.31 -1.21
C CYS A 15 4.70 2.29 -1.54
N LYS A 16 5.01 2.38 -2.82
CA LYS A 16 6.41 2.37 -3.28
C LYS A 16 7.09 3.70 -2.93
N LYS A 17 6.37 4.80 -3.10
CA LYS A 17 6.91 6.12 -2.82
C LYS A 17 7.36 6.21 -1.36
N GLN A 18 6.65 5.53 -0.48
CA GLN A 18 6.98 5.54 0.94
C GLN A 18 7.93 4.39 1.29
N THR A 19 7.62 3.20 0.78
CA THR A 19 8.44 2.02 1.03
C THR A 19 8.62 1.20 -0.24
N THR A 20 9.88 1.02 -0.64
CA THR A 20 10.19 0.25 -1.83
C THR A 20 9.37 -1.04 -1.91
N CYS A 21 9.12 -1.63 -0.74
CA CYS A 21 8.35 -2.86 -0.66
C CYS A 21 6.88 -2.60 -1.00
N THR A 22 6.51 -2.80 -2.26
CA THR A 22 5.14 -2.58 -2.70
C THR A 22 4.19 -3.60 -2.07
N ASN A 23 4.74 -4.74 -1.67
CA ASN A 23 3.95 -5.79 -1.05
C ASN A 23 3.05 -5.22 0.04
N SER A 24 1.76 -5.11 -0.25
CA SER A 24 0.80 -4.57 0.70
C SER A 24 -0.59 -5.16 0.47
N LYS A 25 -1.53 -4.80 1.34
CA LYS A 25 -2.90 -5.31 1.22
C LYS A 25 -3.91 -4.17 1.45
N CYS A 26 -4.71 -3.90 0.43
CA CYS A 26 -5.71 -2.84 0.51
C CYS A 26 -7.00 -3.37 1.13
N MET A 27 -7.22 -3.05 2.40
CA MET A 27 -8.42 -3.49 3.10
C MET A 27 -9.20 -2.30 3.65
N ASN A 28 -10.53 -2.37 3.56
CA ASN A 28 -11.38 -1.30 4.05
C ASN A 28 -10.99 0.04 3.42
N GLY A 29 -10.56 -0.01 2.16
CA GLY A 29 -10.17 1.21 1.47
C GLY A 29 -8.96 1.87 2.10
N LYS A 30 -8.12 1.06 2.76
CA LYS A 30 -6.93 1.57 3.41
C LYS A 30 -5.69 0.82 2.92
N CYS A 31 -4.59 1.54 2.79
CA CYS A 31 -3.33 0.94 2.33
C CYS A 31 -2.35 0.80 3.49
N LYS A 32 -2.07 -0.45 3.86
CA LYS A 32 -1.14 -0.74 4.95
C LYS A 32 0.13 -1.40 4.43
N CYS A 33 1.17 -0.59 4.22
CA CYS A 33 2.44 -1.11 3.73
C CYS A 33 3.05 -2.11 4.71
N TYR A 34 3.38 -3.29 4.20
CA TYR A 34 3.96 -4.33 5.03
C TYR A 34 5.42 -4.03 5.35
N GLY A 35 6.12 -3.42 4.40
CA GLY A 35 7.51 -3.08 4.59
C GLY A 35 8.44 -4.27 4.40
N CYS A 36 9.74 -4.02 4.47
CA CYS A 36 10.73 -5.08 4.30
C CYS A 36 11.08 -5.72 5.63
N VAL A 37 10.86 -7.03 5.73
CA VAL A 37 11.16 -7.77 6.95
C VAL A 37 12.11 -8.92 6.69
N GLY A 1 -0.28 8.32 7.35
CA GLY A 1 -1.69 8.18 7.00
C GLY A 1 -1.92 7.14 5.93
N ASP A 2 -2.86 6.24 6.16
CA ASP A 2 -3.17 5.18 5.21
C ASP A 2 -3.65 5.78 3.89
N ILE A 3 -3.15 5.24 2.78
CA ILE A 3 -3.53 5.72 1.46
C ILE A 3 -4.84 5.09 1.01
N LYS A 4 -5.80 5.95 0.66
CA LYS A 4 -7.11 5.48 0.21
C LYS A 4 -7.00 4.81 -1.17
N CYS A 5 -7.67 3.68 -1.32
CA CYS A 5 -7.65 2.95 -2.58
C CYS A 5 -8.69 1.84 -2.58
N SER A 6 -8.76 1.10 -3.69
CA SER A 6 -9.72 0.00 -3.82
C SER A 6 -9.00 -1.31 -4.14
N GLY A 7 -8.21 -1.28 -5.20
CA GLY A 7 -7.48 -2.48 -5.60
C GLY A 7 -6.12 -2.58 -4.94
N THR A 8 -5.36 -3.61 -5.31
CA THR A 8 -4.03 -3.82 -4.74
C THR A 8 -3.00 -2.91 -5.40
N ARG A 9 -2.93 -2.97 -6.72
CA ARG A 9 -1.98 -2.15 -7.48
C ARG A 9 -2.11 -0.68 -7.08
N GLN A 10 -3.34 -0.21 -6.94
CA GLN A 10 -3.60 1.17 -6.56
C GLN A 10 -2.80 1.55 -5.32
N CYS A 11 -2.56 0.58 -4.45
CA CYS A 11 -1.82 0.80 -3.22
C CYS A 11 -0.32 0.75 -3.47
N TRP A 12 0.09 -0.18 -4.33
CA TRP A 12 1.51 -0.35 -4.67
C TRP A 12 2.11 0.97 -5.14
N GLY A 13 1.34 1.72 -5.94
CA GLY A 13 1.82 2.99 -6.45
C GLY A 13 2.38 3.88 -5.36
N PRO A 14 1.49 4.35 -4.46
CA PRO A 14 1.87 5.22 -3.35
C PRO A 14 2.71 4.49 -2.30
N CYS A 15 2.51 3.18 -2.21
CA CYS A 15 3.24 2.37 -1.24
C CYS A 15 4.73 2.34 -1.57
N LYS A 16 5.05 2.36 -2.86
CA LYS A 16 6.44 2.34 -3.30
C LYS A 16 7.16 3.62 -2.88
N LYS A 17 6.48 4.75 -3.00
CA LYS A 17 7.06 6.04 -2.62
C LYS A 17 7.53 6.01 -1.18
N GLN A 18 6.65 5.61 -0.27
CA GLN A 18 6.98 5.54 1.14
C GLN A 18 7.92 4.38 1.43
N THR A 19 7.61 3.21 0.87
CA THR A 19 8.43 2.03 1.06
C THR A 19 8.61 1.26 -0.25
N THR A 20 9.86 1.12 -0.67
CA THR A 20 10.17 0.42 -1.91
C THR A 20 9.37 -0.87 -2.03
N CYS A 21 9.13 -1.53 -0.88
CA CYS A 21 8.38 -2.77 -0.86
C CYS A 21 6.90 -2.51 -1.16
N THR A 22 6.51 -2.72 -2.41
CA THR A 22 5.12 -2.51 -2.83
C THR A 22 4.19 -3.52 -2.17
N ASN A 23 4.75 -4.66 -1.78
CA ASN A 23 3.97 -5.71 -1.14
C ASN A 23 3.10 -5.14 -0.02
N SER A 24 1.80 -5.04 -0.29
CA SER A 24 0.87 -4.50 0.69
C SER A 24 -0.53 -5.08 0.48
N LYS A 25 -1.45 -4.75 1.38
CA LYS A 25 -2.81 -5.24 1.30
C LYS A 25 -3.81 -4.11 1.52
N CYS A 26 -4.63 -3.85 0.51
CA CYS A 26 -5.63 -2.78 0.59
C CYS A 26 -6.94 -3.32 1.17
N MET A 27 -7.17 -3.06 2.44
CA MET A 27 -8.39 -3.51 3.11
C MET A 27 -9.14 -2.33 3.74
N ASN A 28 -10.46 -2.35 3.64
CA ASN A 28 -11.29 -1.29 4.19
C ASN A 28 -10.95 0.06 3.55
N GLY A 29 -10.64 0.03 2.26
CA GLY A 29 -10.30 1.25 1.56
C GLY A 29 -9.07 1.94 2.13
N LYS A 30 -8.21 1.16 2.76
CA LYS A 30 -6.99 1.70 3.36
C LYS A 30 -5.77 0.94 2.89
N CYS A 31 -4.63 1.63 2.81
CA CYS A 31 -3.39 1.01 2.37
C CYS A 31 -2.44 0.79 3.55
N LYS A 32 -2.13 -0.48 3.81
CA LYS A 32 -1.23 -0.81 4.92
C LYS A 32 -0.01 -1.56 4.40
N CYS A 33 1.09 -0.82 4.22
CA CYS A 33 2.34 -1.40 3.73
C CYS A 33 2.86 -2.44 4.71
N TYR A 34 3.62 -3.41 4.19
CA TYR A 34 4.19 -4.47 5.02
C TYR A 34 5.63 -4.16 5.37
N GLY A 35 6.35 -3.55 4.44
CA GLY A 35 7.75 -3.21 4.66
C GLY A 35 8.67 -4.40 4.48
N CYS A 36 9.92 -4.13 4.12
CA CYS A 36 10.91 -5.19 3.91
C CYS A 36 11.29 -5.84 5.23
N VAL A 37 10.98 -7.12 5.36
CA VAL A 37 11.30 -7.87 6.58
C VAL A 37 11.97 -9.19 6.25
N GLY A 1 -1.62 7.72 8.26
CA GLY A 1 -1.92 8.31 6.97
C GLY A 1 -2.10 7.27 5.88
N ASP A 2 -2.87 6.23 6.18
CA ASP A 2 -3.12 5.16 5.22
C ASP A 2 -3.64 5.73 3.90
N ILE A 3 -3.10 5.22 2.79
CA ILE A 3 -3.51 5.67 1.47
C ILE A 3 -4.80 5.00 1.03
N LYS A 4 -5.81 5.81 0.72
CA LYS A 4 -7.11 5.30 0.28
C LYS A 4 -7.00 4.70 -1.12
N CYS A 5 -7.68 3.58 -1.32
CA CYS A 5 -7.67 2.91 -2.62
C CYS A 5 -8.73 1.80 -2.67
N SER A 6 -8.85 1.17 -3.83
CA SER A 6 -9.83 0.10 -4.01
C SER A 6 -9.13 -1.23 -4.34
N GLY A 7 -8.28 -1.21 -5.36
CA GLY A 7 -7.57 -2.41 -5.74
C GLY A 7 -6.23 -2.54 -5.03
N THR A 8 -5.47 -3.58 -5.38
CA THR A 8 -4.17 -3.82 -4.78
C THR A 8 -3.10 -2.92 -5.38
N ARG A 9 -2.97 -2.97 -6.71
CA ARG A 9 -1.99 -2.15 -7.41
C ARG A 9 -2.11 -0.70 -7.02
N GLN A 10 -3.35 -0.22 -6.87
CA GLN A 10 -3.60 1.16 -6.49
C GLN A 10 -2.80 1.54 -5.24
N CYS A 11 -2.55 0.57 -4.38
CA CYS A 11 -1.80 0.79 -3.16
C CYS A 11 -0.30 0.73 -3.42
N TRP A 12 0.11 -0.20 -4.28
CA TRP A 12 1.51 -0.36 -4.61
C TRP A 12 2.11 0.96 -5.11
N GLY A 13 1.34 1.70 -5.89
CA GLY A 13 1.81 2.97 -6.41
C GLY A 13 2.37 3.87 -5.33
N PRO A 14 1.49 4.33 -4.44
CA PRO A 14 1.89 5.22 -3.33
C PRO A 14 2.72 4.50 -2.27
N CYS A 15 2.52 3.19 -2.18
CA CYS A 15 3.26 2.38 -1.21
C CYS A 15 4.75 2.35 -1.55
N LYS A 16 5.06 2.35 -2.83
CA LYS A 16 6.44 2.32 -3.30
C LYS A 16 7.17 3.60 -2.88
N LYS A 17 6.49 4.73 -3.01
CA LYS A 17 7.07 6.03 -2.65
C LYS A 17 7.56 6.02 -1.21
N GLN A 18 6.69 5.61 -0.30
CA GLN A 18 7.03 5.56 1.12
C GLN A 18 7.98 4.39 1.40
N THR A 19 7.65 3.24 0.85
CA THR A 19 8.48 2.04 1.05
C THR A 19 8.64 1.27 -0.25
N THR A 20 9.89 1.11 -0.68
CA THR A 20 10.18 0.40 -1.92
C THR A 20 9.36 -0.89 -2.02
N CYS A 21 9.14 -1.53 -0.87
CA CYS A 21 8.38 -2.77 -0.83
C CYS A 21 6.91 -2.51 -1.12
N THR A 22 6.52 -2.72 -2.38
CA THR A 22 5.14 -2.50 -2.81
C THR A 22 4.21 -3.52 -2.16
N ASN A 23 4.77 -4.66 -1.77
CA ASN A 23 3.98 -5.72 -1.14
C ASN A 23 3.10 -5.15 -0.03
N SER A 24 1.81 -5.05 -0.31
CA SER A 24 0.86 -4.52 0.67
C SER A 24 -0.53 -5.09 0.44
N LYS A 25 -1.45 -4.79 1.35
CA LYS A 25 -2.83 -5.27 1.25
C LYS A 25 -3.82 -4.14 1.49
N CYS A 26 -4.63 -3.84 0.48
CA CYS A 26 -5.63 -2.78 0.59
C CYS A 26 -6.93 -3.32 1.15
N MET A 27 -7.18 -3.05 2.43
CA MET A 27 -8.39 -3.51 3.09
C MET A 27 -9.13 -2.34 3.73
N ASN A 28 -10.46 -2.35 3.62
CA ASN A 28 -11.29 -1.30 4.19
C ASN A 28 -10.95 0.05 3.56
N GLY A 29 -10.64 0.03 2.26
CA GLY A 29 -10.30 1.25 1.56
C GLY A 29 -9.09 1.95 2.14
N LYS A 30 -8.22 1.17 2.77
CA LYS A 30 -7.00 1.71 3.37
C LYS A 30 -5.77 0.94 2.90
N CYS A 31 -4.65 1.63 2.81
CA CYS A 31 -3.40 1.00 2.37
C CYS A 31 -2.45 0.80 3.57
N LYS A 32 -2.10 -0.45 3.83
CA LYS A 32 -1.21 -0.79 4.92
C LYS A 32 0.05 -1.47 4.42
N CYS A 33 1.12 -0.69 4.25
CA CYS A 33 2.38 -1.22 3.76
C CYS A 33 2.94 -2.26 4.73
N TYR A 34 3.50 -3.33 4.18
CA TYR A 34 4.08 -4.39 4.99
C TYR A 34 5.54 -4.12 5.30
N GLY A 35 6.24 -3.52 4.35
CA GLY A 35 7.65 -3.20 4.54
C GLY A 35 8.55 -4.40 4.29
N CYS A 36 9.85 -4.15 4.24
CA CYS A 36 10.83 -5.22 4.00
C CYS A 36 11.19 -5.93 5.29
N VAL A 37 10.90 -7.22 5.36
CA VAL A 37 11.20 -8.01 6.55
C VAL A 37 12.48 -8.82 6.36
N GLY A 1 -2.57 7.37 8.85
CA GLY A 1 -2.44 8.06 7.57
C GLY A 1 -2.26 7.09 6.41
N ASP A 2 -3.15 6.11 6.31
CA ASP A 2 -3.09 5.14 5.24
C ASP A 2 -3.60 5.72 3.93
N ILE A 3 -3.09 5.21 2.82
CA ILE A 3 -3.49 5.69 1.50
C ILE A 3 -4.80 5.04 1.06
N LYS A 4 -5.79 5.87 0.74
CA LYS A 4 -7.08 5.38 0.30
C LYS A 4 -7.00 4.78 -1.10
N CYS A 5 -7.61 3.62 -1.28
CA CYS A 5 -7.61 2.94 -2.57
C CYS A 5 -8.70 1.88 -2.64
N SER A 6 -8.73 1.14 -3.75
CA SER A 6 -9.74 0.10 -3.94
C SER A 6 -9.07 -1.24 -4.26
N GLY A 7 -8.18 -1.23 -5.26
CA GLY A 7 -7.50 -2.44 -5.65
C GLY A 7 -6.14 -2.58 -4.99
N THR A 8 -5.39 -3.60 -5.37
CA THR A 8 -4.07 -3.83 -4.81
C THR A 8 -3.03 -2.93 -5.45
N ARG A 9 -2.94 -2.98 -6.78
CA ARG A 9 -1.98 -2.16 -7.51
C ARG A 9 -2.10 -0.70 -7.11
N GLN A 10 -3.34 -0.22 -6.98
CA GLN A 10 -3.59 1.17 -6.60
C GLN A 10 -2.80 1.54 -5.34
N CYS A 11 -2.57 0.55 -4.48
CA CYS A 11 -1.83 0.78 -3.25
C CYS A 11 -0.32 0.72 -3.50
N TRP A 12 0.09 -0.20 -4.35
CA TRP A 12 1.51 -0.35 -4.68
C TRP A 12 2.10 0.97 -5.15
N GLY A 13 1.34 1.71 -5.94
CA GLY A 13 1.81 2.99 -6.45
C GLY A 13 2.35 3.88 -5.35
N PRO A 14 1.47 4.34 -4.46
CA PRO A 14 1.85 5.21 -3.35
C PRO A 14 2.67 4.48 -2.30
N CYS A 15 2.48 3.17 -2.20
CA CYS A 15 3.21 2.36 -1.23
C CYS A 15 4.70 2.34 -1.56
N LYS A 16 5.02 2.35 -2.85
CA LYS A 16 6.41 2.33 -3.28
C LYS A 16 7.13 3.61 -2.87
N LYS A 17 6.44 4.74 -2.99
CA LYS A 17 7.02 6.03 -2.61
C LYS A 17 7.50 6.01 -1.17
N GLN A 18 6.62 5.61 -0.26
CA GLN A 18 6.95 5.54 1.15
C GLN A 18 7.88 4.38 1.44
N THR A 19 7.57 3.21 0.88
CA THR A 19 8.39 2.02 1.08
C THR A 19 8.58 1.26 -0.23
N THR A 20 9.83 1.12 -0.66
CA THR A 20 10.14 0.40 -1.89
C THR A 20 9.34 -0.88 -2.00
N CYS A 21 9.10 -1.53 -0.85
CA CYS A 21 8.35 -2.78 -0.82
C CYS A 21 6.88 -2.53 -1.13
N THR A 22 6.50 -2.73 -2.39
CA THR A 22 5.11 -2.53 -2.81
C THR A 22 4.19 -3.55 -2.15
N ASN A 23 4.74 -4.69 -1.76
CA ASN A 23 3.97 -5.74 -1.12
C ASN A 23 3.08 -5.17 -0.01
N SER A 24 1.79 -5.09 -0.29
CA SER A 24 0.83 -4.55 0.68
C SER A 24 -0.55 -5.15 0.45
N LYS A 25 -1.48 -4.80 1.34
CA LYS A 25 -2.85 -5.30 1.24
C LYS A 25 -3.86 -4.18 1.47
N CYS A 26 -4.67 -3.90 0.45
CA CYS A 26 -5.67 -2.85 0.54
C CYS A 26 -6.97 -3.38 1.14
N MET A 27 -7.19 -3.07 2.41
CA MET A 27 -8.39 -3.53 3.10
C MET A 27 -9.13 -2.34 3.73
N ASN A 28 -10.45 -2.35 3.62
CA ASN A 28 -11.27 -1.28 4.18
C ASN A 28 -10.92 0.06 3.54
N GLY A 29 -10.59 0.03 2.25
CA GLY A 29 -10.24 1.26 1.55
C GLY A 29 -9.02 1.94 2.16
N LYS A 30 -8.17 1.16 2.81
CA LYS A 30 -6.96 1.69 3.43
C LYS A 30 -5.72 0.94 2.96
N CYS A 31 -4.60 1.66 2.86
CA CYS A 31 -3.35 1.06 2.41
C CYS A 31 -2.40 0.86 3.59
N LYS A 32 -2.05 -0.40 3.86
CA LYS A 32 -1.14 -0.72 4.96
C LYS A 32 0.11 -1.43 4.43
N CYS A 33 1.18 -0.67 4.25
CA CYS A 33 2.43 -1.23 3.75
C CYS A 33 2.98 -2.26 4.74
N TYR A 34 3.56 -3.33 4.20
CA TYR A 34 4.14 -4.38 5.02
C TYR A 34 5.60 -4.09 5.36
N GLY A 35 6.30 -3.49 4.41
CA GLY A 35 7.70 -3.15 4.63
C GLY A 35 8.61 -4.35 4.44
N CYS A 36 9.88 -4.08 4.19
CA CYS A 36 10.87 -5.15 3.98
C CYS A 36 11.25 -5.79 5.31
N VAL A 37 10.92 -7.07 5.46
CA VAL A 37 11.24 -7.81 6.68
C VAL A 37 12.41 -8.75 6.47
N GLY A 1 -0.89 8.54 7.83
CA GLY A 1 -2.21 8.24 7.32
C GLY A 1 -2.19 7.24 6.18
N ASP A 2 -3.07 6.25 6.25
CA ASP A 2 -3.13 5.22 5.22
C ASP A 2 -3.64 5.79 3.90
N ILE A 3 -3.13 5.27 2.80
CA ILE A 3 -3.52 5.73 1.48
C ILE A 3 -4.83 5.07 1.03
N LYS A 4 -5.82 5.90 0.71
CA LYS A 4 -7.11 5.40 0.26
C LYS A 4 -7.01 4.78 -1.13
N CYS A 5 -7.65 3.62 -1.31
CA CYS A 5 -7.63 2.94 -2.59
C CYS A 5 -8.71 1.86 -2.64
N SER A 6 -8.75 1.12 -3.75
CA SER A 6 -9.74 0.07 -3.93
C SER A 6 -9.06 -1.27 -4.24
N GLY A 7 -8.19 -1.26 -5.25
CA GLY A 7 -7.48 -2.46 -5.64
C GLY A 7 -6.12 -2.58 -4.97
N THR A 8 -5.37 -3.61 -5.35
CA THR A 8 -4.04 -3.83 -4.80
C THR A 8 -3.01 -2.92 -5.45
N ARG A 9 -2.93 -2.97 -6.77
CA ARG A 9 -1.99 -2.15 -7.51
C ARG A 9 -2.11 -0.68 -7.11
N GLN A 10 -3.34 -0.21 -6.98
CA GLN A 10 -3.59 1.18 -6.60
C GLN A 10 -2.80 1.55 -5.35
N CYS A 11 -2.57 0.56 -4.48
CA CYS A 11 -1.83 0.79 -3.25
C CYS A 11 -0.33 0.73 -3.49
N TRP A 12 0.09 -0.20 -4.36
CA TRP A 12 1.50 -0.36 -4.69
C TRP A 12 2.10 0.96 -5.15
N GLY A 13 1.34 1.71 -5.94
CA GLY A 13 1.82 2.99 -6.45
C GLY A 13 2.37 3.88 -5.35
N PRO A 14 1.48 4.34 -4.45
CA PRO A 14 1.86 5.20 -3.33
C PRO A 14 2.68 4.47 -2.29
N CYS A 15 2.48 3.16 -2.19
CA CYS A 15 3.21 2.34 -1.24
C CYS A 15 4.71 2.32 -1.55
N LYS A 16 5.03 2.35 -2.84
CA LYS A 16 6.42 2.34 -3.27
C LYS A 16 7.14 3.60 -2.84
N LYS A 17 6.46 4.74 -2.95
CA LYS A 17 7.04 6.02 -2.57
C LYS A 17 7.50 6.00 -1.12
N GLN A 18 6.61 5.58 -0.23
CA GLN A 18 6.93 5.50 1.20
C GLN A 18 7.87 4.34 1.48
N THR A 19 7.57 3.18 0.91
CA THR A 19 8.39 2.00 1.10
C THR A 19 8.58 1.24 -0.22
N THR A 20 9.83 1.10 -0.63
CA THR A 20 10.15 0.40 -1.87
C THR A 20 9.34 -0.89 -1.99
N CYS A 21 9.11 -1.54 -0.87
CA CYS A 21 8.35 -2.80 -0.85
C CYS A 21 6.88 -2.53 -1.15
N THR A 22 6.49 -2.74 -2.41
CA THR A 22 5.11 -2.53 -2.83
C THR A 22 4.18 -3.55 -2.18
N ASN A 23 4.74 -4.68 -1.78
CA ASN A 23 3.96 -5.74 -1.14
C ASN A 23 3.08 -5.16 -0.03
N SER A 24 1.78 -5.06 -0.30
CA SER A 24 0.83 -4.52 0.67
C SER A 24 -0.56 -5.12 0.45
N LYS A 25 -1.49 -4.77 1.34
CA LYS A 25 -2.85 -5.27 1.25
C LYS A 25 -3.85 -4.14 1.48
N CYS A 26 -4.66 -3.87 0.46
CA CYS A 26 -5.67 -2.81 0.55
C CYS A 26 -6.96 -3.34 1.15
N MET A 27 -7.18 -3.06 2.43
CA MET A 27 -8.37 -3.50 3.13
C MET A 27 -9.11 -2.33 3.77
N ASN A 28 -10.44 -2.35 3.69
CA ASN A 28 -11.26 -1.29 4.25
C ASN A 28 -10.92 0.06 3.61
N GLY A 29 -10.61 0.03 2.32
CA GLY A 29 -10.27 1.24 1.60
C GLY A 29 -9.04 1.93 2.17
N LYS A 30 -8.17 1.15 2.80
CA LYS A 30 -6.96 1.68 3.39
C LYS A 30 -5.73 0.91 2.92
N CYS A 31 -4.60 1.61 2.78
CA CYS A 31 -3.37 0.98 2.35
C CYS A 31 -2.40 0.80 3.50
N LYS A 32 -2.08 -0.45 3.82
CA LYS A 32 -1.17 -0.76 4.91
C LYS A 32 0.09 -1.43 4.39
N CYS A 33 1.15 -0.64 4.20
CA CYS A 33 2.41 -1.15 3.71
C CYS A 33 3.00 -2.18 4.68
N TYR A 34 3.48 -3.29 4.13
CA TYR A 34 4.07 -4.35 4.95
C TYR A 34 5.54 -4.09 5.20
N GLY A 35 6.21 -3.54 4.18
CA GLY A 35 7.63 -3.26 4.31
C GLY A 35 8.49 -4.48 4.06
N CYS A 36 9.81 -4.29 4.12
CA CYS A 36 10.75 -5.38 3.90
C CYS A 36 11.09 -6.09 5.21
N VAL A 37 10.77 -7.38 5.28
CA VAL A 37 11.04 -8.16 6.48
C VAL A 37 12.12 -9.20 6.23
N GLY A 1 -2.06 9.63 7.03
CA GLY A 1 -2.55 8.30 7.36
C GLY A 1 -2.46 7.34 6.19
N ASP A 2 -3.14 6.20 6.30
CA ASP A 2 -3.11 5.19 5.25
C ASP A 2 -3.64 5.77 3.94
N ILE A 3 -3.10 5.27 2.83
CA ILE A 3 -3.51 5.74 1.51
C ILE A 3 -4.81 5.08 1.06
N LYS A 4 -5.80 5.90 0.73
CA LYS A 4 -7.09 5.39 0.29
C LYS A 4 -6.99 4.78 -1.11
N CYS A 5 -7.61 3.62 -1.29
CA CYS A 5 -7.59 2.93 -2.57
C CYS A 5 -8.68 1.86 -2.64
N SER A 6 -8.73 1.14 -3.75
CA SER A 6 -9.73 0.10 -3.94
C SER A 6 -9.06 -1.23 -4.27
N GLY A 7 -8.20 -1.22 -5.28
CA GLY A 7 -7.51 -2.43 -5.68
C GLY A 7 -6.15 -2.57 -5.01
N THR A 8 -5.41 -3.60 -5.41
CA THR A 8 -4.09 -3.85 -4.84
C THR A 8 -3.04 -2.94 -5.48
N ARG A 9 -2.95 -2.98 -6.80
CA ARG A 9 -1.99 -2.16 -7.53
C ARG A 9 -2.11 -0.70 -7.13
N GLN A 10 -3.35 -0.23 -6.99
CA GLN A 10 -3.60 1.16 -6.61
C GLN A 10 -2.81 1.52 -5.36
N CYS A 11 -2.58 0.54 -4.49
CA CYS A 11 -1.84 0.76 -3.26
C CYS A 11 -0.34 0.71 -3.51
N TRP A 12 0.08 -0.21 -4.37
CA TRP A 12 1.49 -0.37 -4.69
C TRP A 12 2.10 0.96 -5.16
N GLY A 13 1.34 1.70 -5.95
CA GLY A 13 1.81 2.98 -6.45
C GLY A 13 2.35 3.87 -5.35
N PRO A 14 1.47 4.33 -4.45
CA PRO A 14 1.85 5.19 -3.33
C PRO A 14 2.67 4.46 -2.29
N CYS A 15 2.47 3.15 -2.19
CA CYS A 15 3.20 2.33 -1.24
C CYS A 15 4.69 2.32 -1.55
N LYS A 16 5.02 2.34 -2.83
CA LYS A 16 6.41 2.33 -3.27
C LYS A 16 7.13 3.60 -2.83
N LYS A 17 6.44 4.73 -2.95
CA LYS A 17 7.01 6.02 -2.56
C LYS A 17 7.47 5.99 -1.11
N GLN A 18 6.58 5.58 -0.22
CA GLN A 18 6.91 5.50 1.20
C GLN A 18 7.85 4.34 1.49
N THR A 19 7.54 3.18 0.91
CA THR A 19 8.37 1.99 1.11
C THR A 19 8.57 1.24 -0.21
N THR A 20 9.82 1.10 -0.62
CA THR A 20 10.15 0.41 -1.86
C THR A 20 9.35 -0.88 -1.99
N CYS A 21 9.11 -1.54 -0.85
CA CYS A 21 8.35 -2.79 -0.84
C CYS A 21 6.88 -2.54 -1.14
N THR A 22 6.50 -2.75 -2.40
CA THR A 22 5.12 -2.55 -2.82
C THR A 22 4.18 -3.56 -2.17
N ASN A 23 4.75 -4.70 -1.76
CA ASN A 23 3.97 -5.75 -1.12
C ASN A 23 3.08 -5.17 -0.01
N SER A 24 1.78 -5.08 -0.30
CA SER A 24 0.83 -4.54 0.66
C SER A 24 -0.55 -5.14 0.45
N LYS A 25 -1.49 -4.78 1.32
CA LYS A 25 -2.86 -5.28 1.22
C LYS A 25 -3.86 -4.16 1.45
N CYS A 26 -4.67 -3.87 0.43
CA CYS A 26 -5.67 -2.82 0.52
C CYS A 26 -6.97 -3.36 1.13
N MET A 27 -7.16 -3.07 2.41
CA MET A 27 -8.37 -3.51 3.12
C MET A 27 -9.10 -2.34 3.74
N ASN A 28 -10.42 -2.36 3.67
CA ASN A 28 -11.24 -1.30 4.23
C ASN A 28 -10.91 0.04 3.59
N GLY A 29 -10.59 0.02 2.30
CA GLY A 29 -10.25 1.23 1.59
C GLY A 29 -9.03 1.92 2.18
N LYS A 30 -8.16 1.15 2.82
CA LYS A 30 -6.96 1.69 3.43
C LYS A 30 -5.73 0.94 2.95
N CYS A 31 -4.60 1.65 2.83
CA CYS A 31 -3.35 1.04 2.39
C CYS A 31 -2.39 0.87 3.56
N LYS A 32 -2.05 -0.38 3.85
CA LYS A 32 -1.12 -0.70 4.93
C LYS A 32 0.14 -1.38 4.40
N CYS A 33 1.19 -0.59 4.21
CA CYS A 33 2.45 -1.13 3.71
C CYS A 33 3.03 -2.15 4.69
N TYR A 34 3.50 -3.27 4.15
CA TYR A 34 4.08 -4.33 4.97
C TYR A 34 5.57 -4.08 5.21
N GLY A 35 6.24 -3.53 4.20
CA GLY A 35 7.66 -3.25 4.32
C GLY A 35 8.51 -4.47 4.07
N CYS A 36 9.82 -4.29 4.12
CA CYS A 36 10.76 -5.39 3.90
C CYS A 36 11.10 -6.10 5.21
N VAL A 37 10.81 -7.40 5.27
CA VAL A 37 11.07 -8.19 6.46
C VAL A 37 12.20 -9.19 6.21
N GLY A 1 -2.64 9.38 6.99
CA GLY A 1 -2.17 8.08 7.45
C GLY A 1 -2.10 7.07 6.33
N ASP A 2 -3.13 6.23 6.23
CA ASP A 2 -3.18 5.19 5.21
C ASP A 2 -3.68 5.78 3.88
N ILE A 3 -3.15 5.26 2.78
CA ILE A 3 -3.55 5.73 1.45
C ILE A 3 -4.85 5.08 1.01
N LYS A 4 -5.84 5.91 0.67
CA LYS A 4 -7.14 5.42 0.23
C LYS A 4 -7.03 4.76 -1.15
N CYS A 5 -7.62 3.59 -1.29
CA CYS A 5 -7.60 2.86 -2.56
C CYS A 5 -8.69 1.81 -2.60
N SER A 6 -8.78 1.09 -3.73
CA SER A 6 -9.78 0.05 -3.90
C SER A 6 -9.12 -1.29 -4.23
N GLY A 7 -8.15 -1.25 -5.12
CA GLY A 7 -7.45 -2.47 -5.51
C GLY A 7 -6.09 -2.59 -4.88
N THR A 8 -5.33 -3.61 -5.29
CA THR A 8 -3.99 -3.83 -4.75
C THR A 8 -2.98 -2.91 -5.42
N ARG A 9 -2.93 -2.96 -6.75
CA ARG A 9 -2.01 -2.13 -7.51
C ARG A 9 -2.12 -0.67 -7.10
N GLN A 10 -3.36 -0.20 -6.97
CA GLN A 10 -3.60 1.19 -6.59
C GLN A 10 -2.82 1.56 -5.34
N CYS A 11 -2.58 0.57 -4.47
CA CYS A 11 -1.84 0.79 -3.24
C CYS A 11 -0.33 0.73 -3.49
N TRP A 12 0.08 -0.19 -4.36
CA TRP A 12 1.49 -0.34 -4.68
C TRP A 12 2.09 0.98 -5.16
N GLY A 13 1.33 1.73 -5.94
CA GLY A 13 1.80 3.01 -6.44
C GLY A 13 2.35 3.89 -5.33
N PRO A 14 1.47 4.34 -4.43
CA PRO A 14 1.85 5.21 -3.31
C PRO A 14 2.68 4.47 -2.27
N CYS A 15 2.48 3.16 -2.19
CA CYS A 15 3.21 2.34 -1.24
C CYS A 15 4.71 2.32 -1.55
N LYS A 16 5.03 2.35 -2.84
CA LYS A 16 6.42 2.34 -3.28
C LYS A 16 7.13 3.61 -2.83
N LYS A 17 6.45 4.75 -2.95
CA LYS A 17 7.02 6.02 -2.55
C LYS A 17 7.49 6.00 -1.11
N GLN A 18 6.61 5.57 -0.21
CA GLN A 18 6.93 5.49 1.21
C GLN A 18 7.87 4.33 1.49
N THR A 19 7.57 3.17 0.91
CA THR A 19 8.38 1.98 1.09
C THR A 19 8.58 1.23 -0.23
N THR A 20 9.83 1.10 -0.64
CA THR A 20 10.15 0.41 -1.89
C THR A 20 9.34 -0.88 -2.02
N CYS A 21 9.11 -1.54 -0.89
CA CYS A 21 8.35 -2.79 -0.88
C CYS A 21 6.88 -2.53 -1.18
N THR A 22 6.49 -2.75 -2.43
CA THR A 22 5.11 -2.54 -2.85
C THR A 22 4.18 -3.54 -2.19
N ASN A 23 4.74 -4.69 -1.80
CA ASN A 23 3.95 -5.74 -1.16
C ASN A 23 3.08 -5.17 -0.04
N SER A 24 1.78 -5.06 -0.32
CA SER A 24 0.84 -4.52 0.66
C SER A 24 -0.55 -5.12 0.47
N LYS A 25 -1.46 -4.78 1.37
CA LYS A 25 -2.83 -5.28 1.29
C LYS A 25 -3.83 -4.15 1.49
N CYS A 26 -4.65 -3.90 0.48
CA CYS A 26 -5.66 -2.85 0.54
C CYS A 26 -6.95 -3.37 1.15
N MET A 27 -7.19 -3.04 2.41
CA MET A 27 -8.39 -3.48 3.10
C MET A 27 -9.13 -2.29 3.71
N ASN A 28 -10.46 -2.31 3.62
CA ASN A 28 -11.28 -1.24 4.17
C ASN A 28 -10.91 0.10 3.53
N GLY A 29 -10.58 0.06 2.24
CA GLY A 29 -10.21 1.28 1.54
C GLY A 29 -8.99 1.95 2.14
N LYS A 30 -8.14 1.16 2.79
CA LYS A 30 -6.93 1.69 3.41
C LYS A 30 -5.71 0.93 2.92
N CYS A 31 -4.58 1.63 2.81
CA CYS A 31 -3.34 1.03 2.37
C CYS A 31 -2.37 0.83 3.53
N LYS A 32 -2.06 -0.42 3.83
CA LYS A 32 -1.14 -0.74 4.92
C LYS A 32 0.10 -1.45 4.39
N CYS A 33 1.17 -0.67 4.20
CA CYS A 33 2.43 -1.21 3.71
C CYS A 33 2.99 -2.25 4.68
N TYR A 34 3.60 -3.29 4.13
CA TYR A 34 4.18 -4.35 4.95
C TYR A 34 5.67 -4.09 5.21
N GLY A 35 6.34 -3.52 4.21
CA GLY A 35 7.76 -3.22 4.35
C GLY A 35 8.63 -4.43 4.07
N CYS A 36 9.94 -4.22 4.10
CA CYS A 36 10.89 -5.30 3.85
C CYS A 36 11.28 -5.98 5.16
N VAL A 37 10.98 -7.28 5.26
CA VAL A 37 11.30 -8.06 6.45
C VAL A 37 12.19 -9.23 6.11
N GLY A 1 -1.31 9.11 7.19
CA GLY A 1 -1.99 7.87 7.52
C GLY A 1 -1.95 6.88 6.37
N ASP A 2 -3.03 6.12 6.21
CA ASP A 2 -3.12 5.12 5.15
C ASP A 2 -3.64 5.74 3.86
N ILE A 3 -3.10 5.29 2.73
CA ILE A 3 -3.52 5.80 1.43
C ILE A 3 -4.80 5.12 0.96
N LYS A 4 -5.78 5.92 0.57
CA LYS A 4 -7.05 5.40 0.09
C LYS A 4 -6.89 4.73 -1.28
N CYS A 5 -7.61 3.62 -1.48
CA CYS A 5 -7.54 2.90 -2.74
C CYS A 5 -8.67 1.87 -2.83
N SER A 6 -8.74 1.17 -3.97
CA SER A 6 -9.77 0.16 -4.17
C SER A 6 -9.14 -1.21 -4.39
N GLY A 7 -8.14 -1.26 -5.26
CA GLY A 7 -7.47 -2.52 -5.54
C GLY A 7 -6.10 -2.61 -4.90
N THR A 8 -5.34 -3.64 -5.28
CA THR A 8 -4.00 -3.82 -4.73
C THR A 8 -2.99 -2.91 -5.41
N ARG A 9 -2.95 -2.97 -6.73
CA ARG A 9 -2.03 -2.14 -7.51
C ARG A 9 -2.14 -0.68 -7.10
N GLN A 10 -3.37 -0.20 -6.96
CA GLN A 10 -3.62 1.19 -6.58
C GLN A 10 -2.82 1.56 -5.33
N CYS A 11 -2.59 0.57 -4.47
CA CYS A 11 -1.85 0.79 -3.24
C CYS A 11 -0.35 0.73 -3.50
N TRP A 12 0.06 -0.19 -4.36
CA TRP A 12 1.47 -0.35 -4.69
C TRP A 12 2.08 0.97 -5.16
N GLY A 13 1.32 1.72 -5.94
CA GLY A 13 1.80 3.00 -6.45
C GLY A 13 2.34 3.88 -5.35
N PRO A 14 1.46 4.34 -4.44
CA PRO A 14 1.85 5.20 -3.33
C PRO A 14 2.67 4.46 -2.28
N CYS A 15 2.48 3.15 -2.20
CA CYS A 15 3.20 2.33 -1.24
C CYS A 15 4.71 2.33 -1.55
N LYS A 16 5.03 2.37 -2.83
CA LYS A 16 6.43 2.37 -3.27
C LYS A 16 7.14 3.64 -2.81
N LYS A 17 6.44 4.77 -2.92
CA LYS A 17 7.00 6.06 -2.53
C LYS A 17 7.47 6.02 -1.07
N GLN A 18 6.58 5.58 -0.18
CA GLN A 18 6.89 5.49 1.24
C GLN A 18 7.84 4.33 1.52
N THR A 19 7.54 3.18 0.92
CA THR A 19 8.37 1.99 1.11
C THR A 19 8.58 1.26 -0.21
N THR A 20 9.83 1.14 -0.62
CA THR A 20 10.17 0.45 -1.86
C THR A 20 9.37 -0.84 -2.01
N CYS A 21 9.13 -1.51 -0.89
CA CYS A 21 8.38 -2.77 -0.89
C CYS A 21 6.90 -2.51 -1.20
N THR A 22 6.52 -2.73 -2.45
CA THR A 22 5.14 -2.52 -2.86
C THR A 22 4.21 -3.53 -2.20
N ASN A 23 4.77 -4.67 -1.81
CA ASN A 23 3.99 -5.73 -1.16
C ASN A 23 3.12 -5.14 -0.05
N SER A 24 1.82 -5.04 -0.32
CA SER A 24 0.88 -4.50 0.66
C SER A 24 -0.51 -5.10 0.46
N LYS A 25 -1.43 -4.75 1.36
CA LYS A 25 -2.80 -5.25 1.29
C LYS A 25 -3.81 -4.13 1.52
N CYS A 26 -4.64 -3.87 0.52
CA CYS A 26 -5.65 -2.82 0.61
C CYS A 26 -6.92 -3.36 1.25
N MET A 27 -7.12 -3.04 2.53
CA MET A 27 -8.30 -3.49 3.26
C MET A 27 -9.01 -2.30 3.93
N ASN A 28 -10.33 -2.32 3.90
CA ASN A 28 -11.12 -1.25 4.50
C ASN A 28 -10.87 0.08 3.79
N GLY A 29 -10.65 0.02 2.48
CA GLY A 29 -10.40 1.23 1.72
C GLY A 29 -9.16 1.96 2.19
N LYS A 30 -8.22 1.22 2.78
CA LYS A 30 -6.99 1.81 3.29
C LYS A 30 -5.79 0.99 2.84
N CYS A 31 -4.63 1.64 2.74
CA CYS A 31 -3.40 0.98 2.33
C CYS A 31 -2.48 0.77 3.53
N LYS A 32 -2.07 -0.48 3.75
CA LYS A 32 -1.17 -0.81 4.85
C LYS A 32 0.05 -1.56 4.35
N CYS A 33 1.14 -0.83 4.16
CA CYS A 33 2.39 -1.41 3.68
C CYS A 33 2.92 -2.45 4.67
N TYR A 34 3.60 -3.46 4.16
CA TYR A 34 4.15 -4.52 5.00
C TYR A 34 5.61 -4.23 5.34
N GLY A 35 6.33 -3.65 4.39
CA GLY A 35 7.74 -3.34 4.60
C GLY A 35 8.64 -4.54 4.39
N CYS A 36 9.89 -4.27 4.04
CA CYS A 36 10.87 -5.35 3.82
C CYS A 36 11.23 -6.04 5.12
N VAL A 37 10.98 -7.35 5.19
CA VAL A 37 11.29 -8.12 6.38
C VAL A 37 12.28 -9.24 6.07
N GLY A 1 -0.96 9.14 6.65
CA GLY A 1 -1.48 7.88 7.17
C GLY A 1 -1.68 6.84 6.09
N ASP A 2 -2.76 6.09 6.19
CA ASP A 2 -3.07 5.05 5.21
C ASP A 2 -3.59 5.66 3.92
N ILE A 3 -3.07 5.17 2.79
CA ILE A 3 -3.49 5.67 1.48
C ILE A 3 -4.79 5.03 1.04
N LYS A 4 -5.78 5.87 0.74
CA LYS A 4 -7.08 5.38 0.30
C LYS A 4 -6.99 4.76 -1.10
N CYS A 5 -7.66 3.64 -1.28
CA CYS A 5 -7.66 2.94 -2.56
C CYS A 5 -8.72 1.84 -2.58
N SER A 6 -8.76 1.10 -3.69
CA SER A 6 -9.73 0.02 -3.85
C SER A 6 -9.04 -1.29 -4.20
N GLY A 7 -8.21 -1.26 -5.24
CA GLY A 7 -7.50 -2.44 -5.66
C GLY A 7 -6.14 -2.57 -4.99
N THR A 8 -5.38 -3.59 -5.38
CA THR A 8 -4.07 -3.82 -4.81
C THR A 8 -3.02 -2.92 -5.45
N ARG A 9 -2.94 -2.96 -6.78
CA ARG A 9 -1.98 -2.15 -7.51
C ARG A 9 -2.11 -0.68 -7.11
N GLN A 10 -3.34 -0.20 -6.97
CA GLN A 10 -3.58 1.18 -6.59
C GLN A 10 -2.79 1.55 -5.34
N CYS A 11 -2.56 0.56 -4.48
CA CYS A 11 -1.83 0.78 -3.24
C CYS A 11 -0.32 0.73 -3.49
N TRP A 12 0.09 -0.20 -4.35
CA TRP A 12 1.51 -0.35 -4.68
C TRP A 12 2.10 0.97 -5.15
N GLY A 13 1.34 1.72 -5.94
CA GLY A 13 1.81 2.99 -6.44
C GLY A 13 2.37 3.88 -5.35
N PRO A 14 1.48 4.34 -4.45
CA PRO A 14 1.86 5.21 -3.33
C PRO A 14 2.68 4.48 -2.28
N CYS A 15 2.48 3.16 -2.19
CA CYS A 15 3.21 2.35 -1.23
C CYS A 15 4.71 2.33 -1.55
N LYS A 16 5.03 2.35 -2.84
CA LYS A 16 6.42 2.33 -3.28
C LYS A 16 7.15 3.60 -2.85
N LYS A 17 6.46 4.74 -2.97
CA LYS A 17 7.04 6.02 -2.59
C LYS A 17 7.51 5.99 -1.13
N GLN A 18 6.62 5.58 -0.24
CA GLN A 18 6.95 5.51 1.18
C GLN A 18 7.89 4.35 1.47
N THR A 19 7.58 3.19 0.89
CA THR A 19 8.39 2.01 1.09
C THR A 19 8.58 1.24 -0.22
N THR A 20 9.83 1.10 -0.64
CA THR A 20 10.14 0.40 -1.88
C THR A 20 9.34 -0.90 -2.00
N CYS A 21 9.11 -1.54 -0.87
CA CYS A 21 8.34 -2.79 -0.84
C CYS A 21 6.88 -2.54 -1.13
N THR A 22 6.49 -2.74 -2.39
CA THR A 22 5.11 -2.53 -2.82
C THR A 22 4.18 -3.55 -2.16
N ASN A 23 4.74 -4.69 -1.77
CA ASN A 23 3.95 -5.73 -1.13
C ASN A 23 3.07 -5.16 -0.02
N SER A 24 1.78 -5.07 -0.30
CA SER A 24 0.83 -4.53 0.68
C SER A 24 -0.56 -5.12 0.45
N LYS A 25 -1.49 -4.79 1.34
CA LYS A 25 -2.86 -5.28 1.25
C LYS A 25 -3.86 -4.15 1.47
N CYS A 26 -4.67 -3.87 0.45
CA CYS A 26 -5.67 -2.82 0.54
C CYS A 26 -6.97 -3.35 1.12
N MET A 27 -7.20 -3.06 2.40
CA MET A 27 -8.41 -3.50 3.08
C MET A 27 -9.14 -2.33 3.72
N ASN A 28 -10.47 -2.34 3.63
CA ASN A 28 -11.29 -1.28 4.19
C ASN A 28 -10.94 0.07 3.56
N GLY A 29 -10.62 0.05 2.27
CA GLY A 29 -10.27 1.27 1.57
C GLY A 29 -9.04 1.95 2.16
N LYS A 30 -8.18 1.16 2.79
CA LYS A 30 -6.97 1.68 3.40
C LYS A 30 -5.74 0.90 2.93
N CYS A 31 -4.62 1.60 2.79
CA CYS A 31 -3.37 0.97 2.35
C CYS A 31 -2.41 0.80 3.52
N LYS A 32 -2.09 -0.45 3.84
CA LYS A 32 -1.16 -0.74 4.93
C LYS A 32 0.11 -1.40 4.40
N CYS A 33 1.15 -0.60 4.21
CA CYS A 33 2.43 -1.10 3.72
C CYS A 33 3.02 -2.12 4.69
N TYR A 34 3.56 -3.21 4.15
CA TYR A 34 4.15 -4.26 4.96
C TYR A 34 5.64 -3.98 5.20
N GLY A 35 6.30 -3.42 4.19
CA GLY A 35 7.71 -3.11 4.31
C GLY A 35 8.59 -4.33 4.10
N CYS A 36 9.89 -4.13 4.13
CA CYS A 36 10.85 -5.22 3.95
C CYS A 36 11.22 -5.85 5.28
N VAL A 37 10.92 -7.14 5.43
CA VAL A 37 11.22 -7.85 6.66
C VAL A 37 12.44 -8.75 6.49
N GLY A 1 -1.05 7.69 8.61
CA GLY A 1 -2.02 7.98 7.57
C GLY A 1 -2.00 6.95 6.46
N ASP A 2 -3.09 6.21 6.31
CA ASP A 2 -3.20 5.19 5.28
C ASP A 2 -3.69 5.79 3.96
N ILE A 3 -3.15 5.29 2.86
CA ILE A 3 -3.53 5.78 1.53
C ILE A 3 -4.81 5.12 1.05
N LYS A 4 -5.81 5.93 0.70
CA LYS A 4 -7.09 5.43 0.23
C LYS A 4 -6.92 4.74 -1.12
N CYS A 5 -7.65 3.64 -1.32
CA CYS A 5 -7.59 2.89 -2.56
C CYS A 5 -8.70 1.83 -2.62
N SER A 6 -8.71 1.07 -3.71
CA SER A 6 -9.72 0.02 -3.88
C SER A 6 -9.06 -1.32 -4.14
N GLY A 7 -8.07 -1.34 -5.03
CA GLY A 7 -7.38 -2.58 -5.34
C GLY A 7 -5.99 -2.63 -4.75
N THR A 8 -5.21 -3.63 -5.13
CA THR A 8 -3.86 -3.80 -4.63
C THR A 8 -2.89 -2.86 -5.34
N ARG A 9 -2.91 -2.90 -6.67
CA ARG A 9 -2.04 -2.05 -7.47
C ARG A 9 -2.15 -0.58 -7.05
N GLN A 10 -3.39 -0.12 -6.89
CA GLN A 10 -3.63 1.26 -6.49
C GLN A 10 -2.83 1.62 -5.24
N CYS A 11 -2.59 0.62 -4.39
CA CYS A 11 -1.82 0.83 -3.17
C CYS A 11 -0.32 0.77 -3.45
N TRP A 12 0.08 -0.13 -4.33
CA TRP A 12 1.48 -0.29 -4.69
C TRP A 12 2.09 1.04 -5.13
N GLY A 13 1.31 1.80 -5.91
CA GLY A 13 1.79 3.10 -6.39
C GLY A 13 2.35 3.95 -5.27
N PRO A 14 1.47 4.39 -4.36
CA PRO A 14 1.86 5.24 -3.22
C PRO A 14 2.70 4.49 -2.20
N CYS A 15 2.53 3.16 -2.15
CA CYS A 15 3.27 2.33 -1.22
C CYS A 15 4.75 2.31 -1.56
N LYS A 16 5.06 2.42 -2.85
CA LYS A 16 6.45 2.42 -3.30
C LYS A 16 7.14 3.74 -2.95
N LYS A 17 6.41 4.85 -3.09
CA LYS A 17 6.96 6.16 -2.78
C LYS A 17 7.43 6.22 -1.33
N GLN A 18 6.71 5.52 -0.45
CA GLN A 18 7.06 5.50 0.97
C GLN A 18 8.01 4.35 1.28
N THR A 19 7.69 3.17 0.75
CA THR A 19 8.51 1.98 0.97
C THR A 19 8.68 1.18 -0.31
N THR A 20 9.93 1.00 -0.73
CA THR A 20 10.23 0.26 -1.95
C THR A 20 9.40 -1.02 -2.03
N CYS A 21 9.15 -1.64 -0.88
CA CYS A 21 8.37 -2.87 -0.82
C CYS A 21 6.90 -2.59 -1.12
N THR A 22 6.51 -2.81 -2.37
CA THR A 22 5.13 -2.58 -2.79
C THR A 22 4.19 -3.57 -2.12
N ASN A 23 4.73 -4.72 -1.73
CA ASN A 23 3.94 -5.76 -1.08
C ASN A 23 3.07 -5.17 0.03
N SER A 24 1.77 -5.04 -0.24
CA SER A 24 0.84 -4.49 0.73
C SER A 24 -0.56 -5.08 0.54
N LYS A 25 -1.46 -4.77 1.46
CA LYS A 25 -2.82 -5.26 1.40
C LYS A 25 -3.82 -4.12 1.56
N CYS A 26 -4.63 -3.89 0.53
CA CYS A 26 -5.63 -2.83 0.56
C CYS A 26 -6.96 -3.35 1.10
N MET A 27 -7.21 -3.11 2.39
CA MET A 27 -8.44 -3.54 3.02
C MET A 27 -9.18 -2.37 3.66
N ASN A 28 -10.50 -2.36 3.53
CA ASN A 28 -11.31 -1.29 4.10
C ASN A 28 -10.96 0.05 3.46
N GLY A 29 -10.64 0.02 2.17
CA GLY A 29 -10.30 1.25 1.46
C GLY A 29 -9.09 1.93 2.05
N LYS A 30 -8.22 1.15 2.69
CA LYS A 30 -7.02 1.69 3.31
C LYS A 30 -5.78 0.93 2.83
N CYS A 31 -4.65 1.63 2.75
CA CYS A 31 -3.41 1.02 2.30
C CYS A 31 -2.46 0.80 3.49
N LYS A 32 -2.17 -0.46 3.78
CA LYS A 32 -1.28 -0.80 4.88
C LYS A 32 -0.06 -1.57 4.37
N CYS A 33 1.04 -0.85 4.18
CA CYS A 33 2.28 -1.45 3.69
C CYS A 33 2.80 -2.47 4.70
N TYR A 34 3.58 -3.43 4.19
CA TYR A 34 4.14 -4.48 5.04
C TYR A 34 5.59 -4.15 5.41
N GLY A 35 6.30 -3.54 4.48
CA GLY A 35 7.69 -3.19 4.72
C GLY A 35 8.63 -4.36 4.56
N CYS A 36 9.89 -4.08 4.24
CA CYS A 36 10.88 -5.13 4.06
C CYS A 36 11.26 -5.75 5.39
N VAL A 37 10.98 -7.05 5.54
CA VAL A 37 11.29 -7.76 6.77
C VAL A 37 12.29 -8.89 6.50
N GLY A 1 0.28 7.46 7.25
CA GLY A 1 -1.02 7.81 6.72
C GLY A 1 -1.51 6.81 5.69
N ASP A 2 -2.41 5.93 6.11
CA ASP A 2 -2.95 4.91 5.21
C ASP A 2 -3.49 5.55 3.92
N ILE A 3 -3.01 5.05 2.78
CA ILE A 3 -3.44 5.58 1.49
C ILE A 3 -4.76 4.95 1.05
N LYS A 4 -5.75 5.80 0.78
CA LYS A 4 -7.05 5.32 0.34
C LYS A 4 -6.98 4.73 -1.07
N CYS A 5 -7.67 3.62 -1.26
CA CYS A 5 -7.69 2.95 -2.55
C CYS A 5 -8.75 1.85 -2.60
N SER A 6 -8.79 1.10 -3.69
CA SER A 6 -9.76 0.03 -3.86
C SER A 6 -9.06 -1.28 -4.21
N GLY A 7 -8.21 -1.24 -5.22
CA GLY A 7 -7.49 -2.43 -5.65
C GLY A 7 -6.13 -2.54 -4.98
N THR A 8 -5.39 -3.58 -5.36
CA THR A 8 -4.07 -3.81 -4.80
C THR A 8 -3.02 -2.91 -5.45
N ARG A 9 -2.94 -2.97 -6.77
CA ARG A 9 -2.00 -2.16 -7.52
C ARG A 9 -2.10 -0.69 -7.12
N GLN A 10 -3.33 -0.20 -6.98
CA GLN A 10 -3.57 1.19 -6.61
C GLN A 10 -2.78 1.56 -5.36
N CYS A 11 -2.56 0.57 -4.50
CA CYS A 11 -1.82 0.79 -3.25
C CYS A 11 -0.32 0.73 -3.50
N TRP A 12 0.10 -0.20 -4.36
CA TRP A 12 1.51 -0.36 -4.68
C TRP A 12 2.11 0.96 -5.16
N GLY A 13 1.35 1.71 -5.95
CA GLY A 13 1.83 2.99 -6.45
C GLY A 13 2.38 3.88 -5.36
N PRO A 14 1.49 4.34 -4.46
CA PRO A 14 1.87 5.21 -3.35
C PRO A 14 2.69 4.47 -2.29
N CYS A 15 2.49 3.16 -2.20
CA CYS A 15 3.21 2.35 -1.23
C CYS A 15 4.71 2.32 -1.55
N LYS A 16 5.03 2.34 -2.84
CA LYS A 16 6.42 2.32 -3.28
C LYS A 16 7.15 3.59 -2.84
N LYS A 17 6.47 4.73 -2.97
CA LYS A 17 7.04 6.01 -2.59
C LYS A 17 7.52 5.98 -1.14
N GLN A 18 6.63 5.58 -0.24
CA GLN A 18 6.95 5.51 1.18
C GLN A 18 7.89 4.35 1.47
N THR A 19 7.57 3.19 0.90
CA THR A 19 8.39 2.00 1.10
C THR A 19 8.58 1.23 -0.21
N THR A 20 9.83 1.09 -0.63
CA THR A 20 10.14 0.39 -1.87
C THR A 20 9.34 -0.90 -1.99
N CYS A 21 9.10 -1.55 -0.86
CA CYS A 21 8.34 -2.79 -0.83
C CYS A 21 6.86 -2.53 -1.14
N THR A 22 6.47 -2.75 -2.39
CA THR A 22 5.10 -2.53 -2.81
C THR A 22 4.16 -3.54 -2.15
N ASN A 23 4.72 -4.68 -1.74
CA ASN A 23 3.93 -5.72 -1.10
C ASN A 23 3.04 -5.13 0.00
N SER A 24 1.75 -5.04 -0.27
CA SER A 24 0.80 -4.48 0.69
C SER A 24 -0.60 -5.07 0.47
N LYS A 25 -1.52 -4.75 1.36
CA LYS A 25 -2.88 -5.23 1.28
C LYS A 25 -3.88 -4.10 1.48
N CYS A 26 -4.68 -3.83 0.45
CA CYS A 26 -5.68 -2.77 0.52
C CYS A 26 -7.00 -3.29 1.10
N MET A 27 -7.20 -3.08 2.39
CA MET A 27 -8.42 -3.53 3.06
C MET A 27 -9.15 -2.35 3.70
N ASN A 28 -10.48 -2.37 3.59
CA ASN A 28 -11.31 -1.30 4.16
C ASN A 28 -10.96 0.05 3.54
N GLY A 29 -10.62 0.03 2.25
CA GLY A 29 -10.27 1.26 1.56
C GLY A 29 -9.04 1.93 2.15
N LYS A 30 -8.18 1.13 2.79
CA LYS A 30 -6.97 1.64 3.39
C LYS A 30 -5.74 0.86 2.94
N CYS A 31 -4.62 1.56 2.79
CA CYS A 31 -3.38 0.93 2.36
C CYS A 31 -2.41 0.76 3.53
N LYS A 32 -2.06 -0.48 3.83
CA LYS A 32 -1.13 -0.77 4.92
C LYS A 32 0.16 -1.38 4.39
N CYS A 33 1.18 -0.55 4.22
CA CYS A 33 2.48 -1.00 3.72
C CYS A 33 3.10 -2.01 4.69
N TYR A 34 3.50 -3.15 4.15
CA TYR A 34 4.13 -4.20 4.96
C TYR A 34 5.62 -3.93 5.15
N GLY A 35 6.24 -3.39 4.11
CA GLY A 35 7.67 -3.09 4.19
C GLY A 35 8.53 -4.33 4.03
N CYS A 36 9.84 -4.15 4.07
CA CYS A 36 10.78 -5.27 3.93
C CYS A 36 11.11 -5.85 5.29
N VAL A 37 10.87 -7.15 5.45
CA VAL A 37 11.15 -7.85 6.71
C VAL A 37 12.05 -9.05 6.48
N GLY A 1 -0.59 7.96 7.96
CA GLY A 1 -1.91 7.88 7.36
C GLY A 1 -1.95 6.92 6.19
N ASP A 2 -2.83 5.93 6.28
CA ASP A 2 -2.97 4.93 5.22
C ASP A 2 -3.51 5.56 3.94
N ILE A 3 -3.01 5.08 2.79
CA ILE A 3 -3.45 5.60 1.50
C ILE A 3 -4.76 4.98 1.06
N LYS A 4 -5.75 5.81 0.78
CA LYS A 4 -7.05 5.33 0.35
C LYS A 4 -6.98 4.74 -1.06
N CYS A 5 -7.65 3.61 -1.25
CA CYS A 5 -7.66 2.94 -2.55
C CYS A 5 -8.73 1.85 -2.58
N SER A 6 -8.77 1.11 -3.68
CA SER A 6 -9.74 0.03 -3.85
C SER A 6 -9.05 -1.28 -4.21
N GLY A 7 -8.20 -1.24 -5.23
CA GLY A 7 -7.48 -2.43 -5.66
C GLY A 7 -6.13 -2.56 -5.00
N THR A 8 -5.38 -3.58 -5.38
CA THR A 8 -4.06 -3.82 -4.82
C THR A 8 -3.02 -2.91 -5.46
N ARG A 9 -2.93 -2.97 -6.79
CA ARG A 9 -1.98 -2.15 -7.53
C ARG A 9 -2.09 -0.69 -7.12
N GLN A 10 -3.32 -0.20 -6.99
CA GLN A 10 -3.58 1.18 -6.62
C GLN A 10 -2.79 1.55 -5.37
N CYS A 11 -2.55 0.56 -4.50
CA CYS A 11 -1.82 0.78 -3.27
C CYS A 11 -0.32 0.73 -3.51
N TRP A 12 0.11 -0.19 -4.37
CA TRP A 12 1.52 -0.35 -4.69
C TRP A 12 2.12 0.98 -5.16
N GLY A 13 1.35 1.72 -5.95
CA GLY A 13 1.82 3.00 -6.45
C GLY A 13 2.37 3.89 -5.36
N PRO A 14 1.49 4.35 -4.46
CA PRO A 14 1.85 5.22 -3.34
C PRO A 14 2.68 4.49 -2.29
N CYS A 15 2.48 3.18 -2.20
CA CYS A 15 3.21 2.36 -1.23
C CYS A 15 4.71 2.34 -1.55
N LYS A 16 5.02 2.35 -2.85
CA LYS A 16 6.41 2.33 -3.28
C LYS A 16 7.14 3.60 -2.86
N LYS A 17 6.47 4.73 -2.98
CA LYS A 17 7.05 6.02 -2.61
C LYS A 17 7.51 6.00 -1.16
N GLN A 18 6.62 5.59 -0.25
CA GLN A 18 6.95 5.53 1.16
C GLN A 18 7.89 4.36 1.46
N THR A 19 7.57 3.20 0.89
CA THR A 19 8.39 2.01 1.08
C THR A 19 8.58 1.24 -0.23
N THR A 20 9.82 1.10 -0.65
CA THR A 20 10.14 0.38 -1.89
C THR A 20 9.33 -0.90 -1.99
N CYS A 21 9.10 -1.55 -0.86
CA CYS A 21 8.34 -2.79 -0.82
C CYS A 21 6.86 -2.54 -1.12
N THR A 22 6.48 -2.74 -2.38
CA THR A 22 5.09 -2.54 -2.79
C THR A 22 4.17 -3.55 -2.14
N ASN A 23 4.73 -4.69 -1.72
CA ASN A 23 3.95 -5.74 -1.08
C ASN A 23 3.06 -5.16 0.01
N SER A 24 1.77 -5.07 -0.27
CA SER A 24 0.81 -4.53 0.69
C SER A 24 -0.58 -5.11 0.47
N LYS A 25 -1.51 -4.78 1.35
CA LYS A 25 -2.88 -5.27 1.24
C LYS A 25 -3.89 -4.14 1.46
N CYS A 26 -4.68 -3.86 0.44
CA CYS A 26 -5.69 -2.80 0.52
C CYS A 26 -6.99 -3.34 1.09
N MET A 27 -7.21 -3.07 2.38
CA MET A 27 -8.42 -3.51 3.06
C MET A 27 -9.16 -2.34 3.69
N ASN A 28 -10.49 -2.35 3.60
CA ASN A 28 -11.30 -1.28 4.17
C ASN A 28 -10.95 0.06 3.55
N GLY A 29 -10.62 0.05 2.27
CA GLY A 29 -10.27 1.28 1.58
C GLY A 29 -9.04 1.94 2.18
N LYS A 30 -8.19 1.15 2.80
CA LYS A 30 -6.97 1.66 3.42
C LYS A 30 -5.75 0.87 2.95
N CYS A 31 -4.62 1.58 2.80
CA CYS A 31 -3.38 0.95 2.36
C CYS A 31 -2.41 0.79 3.53
N LYS A 32 -2.09 -0.45 3.85
CA LYS A 32 -1.16 -0.75 4.94
C LYS A 32 0.12 -1.38 4.42
N CYS A 33 1.14 -0.56 4.24
CA CYS A 33 2.43 -1.05 3.74
C CYS A 33 3.04 -2.06 4.70
N TYR A 34 3.54 -3.16 4.16
CA TYR A 34 4.16 -4.20 4.97
C TYR A 34 5.65 -3.93 5.18
N GLY A 35 6.28 -3.38 4.14
CA GLY A 35 7.70 -3.08 4.23
C GLY A 35 8.56 -4.33 4.06
N CYS A 36 9.88 -4.13 4.09
CA CYS A 36 10.81 -5.24 3.94
C CYS A 36 11.18 -5.84 5.30
N VAL A 37 10.86 -7.12 5.48
CA VAL A 37 11.15 -7.81 6.72
C VAL A 37 12.33 -8.75 6.57
N GLY A 1 -0.67 8.83 7.23
CA GLY A 1 -1.70 7.82 7.42
C GLY A 1 -1.75 6.81 6.29
N ASP A 2 -2.80 6.01 6.25
CA ASP A 2 -2.96 5.00 5.22
C ASP A 2 -3.50 5.62 3.92
N ILE A 3 -3.01 5.12 2.78
CA ILE A 3 -3.44 5.63 1.49
C ILE A 3 -4.76 4.99 1.06
N LYS A 4 -5.75 5.82 0.78
CA LYS A 4 -7.06 5.32 0.34
C LYS A 4 -6.98 4.74 -1.05
N CYS A 5 -7.65 3.61 -1.26
CA CYS A 5 -7.66 2.95 -2.56
C CYS A 5 -8.74 1.87 -2.61
N SER A 6 -8.78 1.12 -3.72
CA SER A 6 -9.75 0.06 -3.89
C SER A 6 -9.07 -1.25 -4.24
N GLY A 7 -8.21 -1.21 -5.26
CA GLY A 7 -7.50 -2.41 -5.67
C GLY A 7 -6.14 -2.54 -5.02
N THR A 8 -5.40 -3.58 -5.39
CA THR A 8 -4.08 -3.82 -4.83
C THR A 8 -3.03 -2.92 -5.48
N ARG A 9 -2.95 -2.97 -6.80
CA ARG A 9 -1.98 -2.16 -7.54
C ARG A 9 -2.10 -0.69 -7.14
N GLN A 10 -3.34 -0.21 -7.01
CA GLN A 10 -3.58 1.17 -6.63
C GLN A 10 -2.79 1.54 -5.37
N CYS A 11 -2.57 0.56 -4.51
CA CYS A 11 -1.83 0.78 -3.27
C CYS A 11 -0.33 0.72 -3.52
N TRP A 12 0.09 -0.20 -4.38
CA TRP A 12 1.51 -0.36 -4.69
C TRP A 12 2.11 0.96 -5.16
N GLY A 13 1.34 1.71 -5.96
CA GLY A 13 1.82 2.99 -6.46
C GLY A 13 2.37 3.88 -5.36
N PRO A 14 1.48 4.34 -4.47
CA PRO A 14 1.86 5.21 -3.35
C PRO A 14 2.67 4.47 -2.29
N CYS A 15 2.48 3.16 -2.20
CA CYS A 15 3.21 2.35 -1.24
C CYS A 15 4.69 2.33 -1.55
N LYS A 16 5.03 2.35 -2.84
CA LYS A 16 6.42 2.33 -3.28
C LYS A 16 7.14 3.60 -2.84
N LYS A 17 6.45 4.74 -2.96
CA LYS A 17 7.03 6.02 -2.58
C LYS A 17 7.49 6.00 -1.12
N GLN A 18 6.60 5.58 -0.23
CA GLN A 18 6.92 5.51 1.19
C GLN A 18 7.86 4.35 1.48
N THR A 19 7.55 3.19 0.90
CA THR A 19 8.38 2.00 1.10
C THR A 19 8.57 1.24 -0.21
N THR A 20 9.82 1.10 -0.62
CA THR A 20 10.15 0.40 -1.86
C THR A 20 9.34 -0.89 -1.98
N CYS A 21 9.11 -1.54 -0.85
CA CYS A 21 8.35 -2.79 -0.83
C CYS A 21 6.88 -2.54 -1.13
N THR A 22 6.49 -2.76 -2.38
CA THR A 22 5.11 -2.55 -2.80
C THR A 22 4.18 -3.57 -2.14
N ASN A 23 4.74 -4.70 -1.73
CA ASN A 23 3.96 -5.74 -1.08
C ASN A 23 3.07 -5.16 0.01
N SER A 24 1.78 -5.08 -0.27
CA SER A 24 0.82 -4.53 0.68
C SER A 24 -0.56 -5.13 0.46
N LYS A 25 -1.51 -4.77 1.33
CA LYS A 25 -2.87 -5.27 1.23
C LYS A 25 -3.88 -4.15 1.45
N CYS A 26 -4.69 -3.87 0.43
CA CYS A 26 -5.69 -2.82 0.52
C CYS A 26 -6.99 -3.35 1.13
N MET A 27 -7.19 -3.05 2.41
CA MET A 27 -8.39 -3.50 3.10
C MET A 27 -9.13 -2.32 3.73
N ASN A 28 -10.46 -2.36 3.66
CA ASN A 28 -11.28 -1.28 4.22
C ASN A 28 -10.93 0.06 3.58
N GLY A 29 -10.61 0.03 2.29
CA GLY A 29 -10.26 1.25 1.59
C GLY A 29 -9.03 1.93 2.18
N LYS A 30 -8.16 1.14 2.81
CA LYS A 30 -6.95 1.67 3.42
C LYS A 30 -5.73 0.89 2.95
N CYS A 31 -4.61 1.59 2.79
CA CYS A 31 -3.36 0.96 2.35
C CYS A 31 -2.39 0.80 3.51
N LYS A 32 -2.08 -0.43 3.85
CA LYS A 32 -1.14 -0.72 4.94
C LYS A 32 0.13 -1.36 4.42
N CYS A 33 1.17 -0.54 4.22
CA CYS A 33 2.44 -1.04 3.72
C CYS A 33 3.06 -2.05 4.69
N TYR A 34 3.53 -3.16 4.16
CA TYR A 34 4.15 -4.20 4.97
C TYR A 34 5.64 -3.93 5.16
N GLY A 35 6.28 -3.41 4.12
CA GLY A 35 7.70 -3.12 4.19
C GLY A 35 8.54 -4.35 4.03
N CYS A 36 9.87 -4.18 4.07
CA CYS A 36 10.79 -5.29 3.93
C CYS A 36 11.14 -5.89 5.29
N VAL A 37 10.75 -7.15 5.48
CA VAL A 37 11.02 -7.85 6.73
C VAL A 37 12.40 -8.52 6.70
N GLY A 1 -1.20 9.18 6.97
CA GLY A 1 -2.14 8.11 7.21
C GLY A 1 -2.21 7.13 6.04
N ASP A 2 -3.03 6.09 6.19
CA ASP A 2 -3.18 5.09 5.15
C ASP A 2 -3.69 5.72 3.85
N ILE A 3 -3.15 5.26 2.73
CA ILE A 3 -3.55 5.79 1.42
C ILE A 3 -4.83 5.12 0.93
N LYS A 4 -5.80 5.94 0.55
CA LYS A 4 -7.09 5.43 0.07
C LYS A 4 -6.92 4.77 -1.29
N CYS A 5 -7.58 3.63 -1.48
CA CYS A 5 -7.51 2.89 -2.73
C CYS A 5 -8.64 1.87 -2.83
N SER A 6 -8.74 1.21 -3.97
CA SER A 6 -9.79 0.22 -4.20
C SER A 6 -9.18 -1.17 -4.41
N GLY A 7 -8.13 -1.24 -5.23
CA GLY A 7 -7.48 -2.50 -5.51
C GLY A 7 -6.11 -2.60 -4.87
N THR A 8 -5.35 -3.62 -5.23
CA THR A 8 -4.02 -3.82 -4.69
C THR A 8 -3.00 -2.91 -5.37
N ARG A 9 -2.97 -2.97 -6.70
CA ARG A 9 -2.03 -2.15 -7.47
C ARG A 9 -2.14 -0.67 -7.06
N GLN A 10 -3.38 -0.20 -6.93
CA GLN A 10 -3.62 1.19 -6.54
C GLN A 10 -2.82 1.56 -5.29
N CYS A 11 -2.59 0.57 -4.44
CA CYS A 11 -1.84 0.79 -3.21
C CYS A 11 -0.34 0.73 -3.47
N TRP A 12 0.07 -0.19 -4.34
CA TRP A 12 1.47 -0.35 -4.67
C TRP A 12 2.08 0.97 -5.13
N GLY A 13 1.31 1.72 -5.93
CA GLY A 13 1.79 3.00 -6.43
C GLY A 13 2.34 3.88 -5.33
N PRO A 14 1.47 4.34 -4.43
CA PRO A 14 1.86 5.20 -3.32
C PRO A 14 2.68 4.47 -2.26
N CYS A 15 2.49 3.15 -2.18
CA CYS A 15 3.22 2.33 -1.23
C CYS A 15 4.71 2.32 -1.54
N LYS A 16 5.05 2.36 -2.83
CA LYS A 16 6.43 2.37 -3.27
C LYS A 16 7.14 3.64 -2.82
N LYS A 17 6.45 4.77 -2.93
CA LYS A 17 7.02 6.05 -2.54
C LYS A 17 7.49 6.01 -1.08
N GLN A 18 6.60 5.59 -0.18
CA GLN A 18 6.92 5.50 1.23
C GLN A 18 7.88 4.34 1.51
N THR A 19 7.57 3.19 0.92
CA THR A 19 8.40 2.00 1.09
C THR A 19 8.60 1.26 -0.22
N THR A 20 9.85 1.13 -0.64
CA THR A 20 10.17 0.44 -1.89
C THR A 20 9.37 -0.85 -2.03
N CYS A 21 9.13 -1.52 -0.90
CA CYS A 21 8.38 -2.77 -0.90
C CYS A 21 6.90 -2.52 -1.21
N THR A 22 6.52 -2.72 -2.46
CA THR A 22 5.14 -2.52 -2.88
C THR A 22 4.21 -3.52 -2.22
N ASN A 23 4.75 -4.67 -1.83
CA ASN A 23 3.97 -5.71 -1.18
C ASN A 23 3.11 -5.14 -0.07
N SER A 24 1.81 -5.02 -0.33
CA SER A 24 0.88 -4.48 0.65
C SER A 24 -0.50 -5.09 0.48
N LYS A 25 -1.43 -4.73 1.37
CA LYS A 25 -2.79 -5.24 1.31
C LYS A 25 -3.80 -4.12 1.56
N CYS A 26 -4.63 -3.86 0.56
CA CYS A 26 -5.65 -2.82 0.66
C CYS A 26 -6.91 -3.36 1.32
N MET A 27 -7.10 -3.02 2.59
CA MET A 27 -8.27 -3.46 3.33
C MET A 27 -9.03 -2.27 3.91
N ASN A 28 -10.36 -2.34 3.87
CA ASN A 28 -11.19 -1.27 4.39
C ASN A 28 -10.90 0.05 3.69
N GLY A 29 -10.65 -0.03 2.38
CA GLY A 29 -10.35 1.17 1.61
C GLY A 29 -9.13 1.89 2.12
N LYS A 30 -8.22 1.16 2.76
CA LYS A 30 -6.99 1.73 3.29
C LYS A 30 -5.78 0.92 2.87
N CYS A 31 -4.64 1.60 2.73
CA CYS A 31 -3.40 0.95 2.33
C CYS A 31 -2.48 0.74 3.53
N LYS A 32 -2.07 -0.51 3.74
CA LYS A 32 -1.18 -0.85 4.84
C LYS A 32 0.06 -1.57 4.35
N CYS A 33 1.15 -0.83 4.17
CA CYS A 33 2.41 -1.40 3.69
C CYS A 33 2.94 -2.44 4.68
N TYR A 34 3.52 -3.50 4.15
CA TYR A 34 4.07 -4.57 4.98
C TYR A 34 5.51 -4.28 5.36
N GLY A 35 6.25 -3.68 4.42
CA GLY A 35 7.64 -3.35 4.68
C GLY A 35 8.55 -4.55 4.53
N CYS A 36 9.76 -4.32 4.03
CA CYS A 36 10.73 -5.39 3.83
C CYS A 36 11.04 -6.09 5.15
N VAL A 37 10.71 -7.37 5.23
CA VAL A 37 10.95 -8.16 6.44
C VAL A 37 11.92 -9.30 6.16
#